data_4OVG
#
_entry.id   4OVG
#
_cell.length_a   80.079
_cell.length_b   66.197
_cell.length_c   80.625
_cell.angle_alpha   90.000
_cell.angle_beta   114.900
_cell.angle_gamma   90.000
#
_symmetry.space_group_name_H-M   'P 1 21 1'
#
loop_
_entity.id
_entity.type
_entity.pdbx_description
1 polymer 'DNA polymerase III subunit beta'
2 non-polymer '(2R)-9-(2-amino-2-oxoethyl)-6-chloro-2,3,4,9-tetrahydro-1H-carbazole-2-carboxylic acid'
3 non-polymer DI(HYDROXYETHYL)ETHER
4 non-polymer 'CALCIUM ION'
5 non-polymer 'TETRAETHYLENE GLYCOL'
6 non-polymer 1,2-ETHANEDIOL
7 non-polymer 'CHLORIDE ION'
8 non-polymer 'TRIETHYLENE GLYCOL'
9 water water
#
_entity_poly.entity_id   1
_entity_poly.type   'polypeptide(L)'
_entity_poly.pdbx_seq_one_letter_code
;MKFTVEREHLLKPLQQVSGPLGGRPTLPILGNLLLQVADGTLSLTGTDLEMEMVARVALVQPHEPGATTVPARKFFDICR
GLPEGAEIAVQLEGERMLVRSGRSRFSLSTLPAADFPNLDDWQSEVEFTLPQATMKRLIEATQFSMAHQDVRYYLNGMLF
ETEGEELRTVATDGHRLAVCSMPIGQSLPSHSVIVPRKGVIELMRMLDGGDNPLRVQIGSNNIRAHVGDFIFTSKLVDGR
FPDYRRVLPKNPDKHLEAGCDLLKQAFARAAILSNEKFRGVRLYVSENQLKITANNPEQEEAEEILDVTYSGAEMEIGFN
VSYVLDVLNALKCENVRMMLTDSVSSVQIEDAASQSAAYVVMPMRL
;
_entity_poly.pdbx_strand_id   A,B
#
loop_
_chem_comp.id
_chem_comp.type
_chem_comp.name
_chem_comp.formula
2VF non-polymer '(2R)-9-(2-amino-2-oxoethyl)-6-chloro-2,3,4,9-tetrahydro-1H-carbazole-2-carboxylic acid' 'C15 H15 Cl N2 O3'
CA non-polymer 'CALCIUM ION' 'Ca 2'
CL non-polymer 'CHLORIDE ION' 'Cl -1'
EDO non-polymer 1,2-ETHANEDIOL 'C2 H6 O2'
PEG non-polymer DI(HYDROXYETHYL)ETHER 'C4 H10 O3'
PG4 non-polymer 'TETRAETHYLENE GLYCOL' 'C8 H18 O5'
PGE non-polymer 'TRIETHYLENE GLYCOL' 'C6 H14 O4'
#
# COMPACT_ATOMS: atom_id res chain seq x y z
N MET A 1 -40.69 0.97 -3.43
CA MET A 1 -39.65 1.86 -2.88
C MET A 1 -38.94 2.57 -4.04
N LYS A 2 -38.96 3.89 -4.02
CA LYS A 2 -38.26 4.72 -5.02
C LYS A 2 -37.64 5.91 -4.35
N PHE A 3 -36.42 6.24 -4.76
CA PHE A 3 -35.84 7.53 -4.45
C PHE A 3 -34.87 7.98 -5.54
N THR A 4 -34.57 9.27 -5.56
CA THR A 4 -33.60 9.87 -6.48
C THR A 4 -32.78 10.84 -5.68
N VAL A 5 -31.47 10.60 -5.61
N VAL A 5 -31.47 10.60 -5.61
CA VAL A 5 -30.60 11.34 -4.74
CA VAL A 5 -30.59 11.32 -4.71
C VAL A 5 -29.25 11.60 -5.43
C VAL A 5 -29.23 11.57 -5.38
N GLU A 6 -28.63 12.74 -5.13
CA GLU A 6 -27.31 13.04 -5.70
C GLU A 6 -26.25 12.12 -5.11
N ARG A 7 -25.33 11.73 -5.97
CA ARG A 7 -24.20 10.89 -5.60
C ARG A 7 -23.50 11.40 -4.37
N GLU A 8 -23.26 12.71 -4.35
CA GLU A 8 -22.58 13.39 -3.26
C GLU A 8 -23.23 13.14 -1.88
N HIS A 9 -24.56 13.06 -1.84
CA HIS A 9 -25.29 12.83 -0.57
C HIS A 9 -25.33 11.38 -0.17
N LEU A 10 -25.13 10.49 -1.14
CA LEU A 10 -25.26 9.06 -0.93
C LEU A 10 -23.92 8.42 -0.62
N LEU A 11 -22.84 9.00 -1.15
CA LEU A 11 -21.53 8.34 -1.14
C LEU A 11 -20.90 8.19 0.23
N LYS A 12 -20.85 9.26 1.02
CA LYS A 12 -20.27 9.13 2.35
C LYS A 12 -21.09 8.16 3.25
N PRO A 13 -22.43 8.33 3.31
CA PRO A 13 -23.26 7.33 4.01
C PRO A 13 -23.00 5.87 3.61
N LEU A 14 -22.98 5.59 2.32
CA LEU A 14 -22.68 4.23 1.84
C LEU A 14 -21.31 3.74 2.24
N GLN A 15 -20.32 4.63 2.14
CA GLN A 15 -18.96 4.30 2.54
C GLN A 15 -18.93 3.86 4.00
N GLN A 16 -19.59 4.65 4.84
CA GLN A 16 -19.60 4.41 6.27
C GLN A 16 -20.33 3.13 6.62
N VAL A 17 -21.54 2.95 6.11
N VAL A 17 -21.54 2.95 6.09
CA VAL A 17 -22.34 1.78 6.49
CA VAL A 17 -22.35 1.80 6.47
C VAL A 17 -21.80 0.49 5.90
C VAL A 17 -21.81 0.50 5.89
N SER A 18 -21.16 0.58 4.72
CA SER A 18 -20.74 -0.61 3.98
C SER A 18 -19.33 -1.09 4.31
N GLY A 19 -18.44 -0.19 4.70
CA GLY A 19 -17.04 -0.54 5.01
C GLY A 19 -16.79 -1.92 5.63
N PRO A 20 -17.43 -2.21 6.77
CA PRO A 20 -17.16 -3.48 7.49
C PRO A 20 -17.97 -4.71 7.07
N LEU A 21 -18.89 -4.61 6.11
CA LEU A 21 -19.89 -5.66 5.93
C LEU A 21 -19.43 -6.88 5.12
N GLY A 22 -20.02 -8.04 5.42
CA GLY A 22 -19.69 -9.29 4.74
C GLY A 22 -20.83 -10.30 4.76
N PRO A 28 -25.84 -14.58 4.54
CA PRO A 28 -25.60 -13.75 3.36
C PRO A 28 -26.22 -12.35 3.50
N ILE A 29 -27.36 -12.24 4.15
CA ILE A 29 -27.96 -10.91 4.30
C ILE A 29 -27.06 -9.99 5.14
N LEU A 30 -26.12 -10.54 5.91
CA LEU A 30 -25.13 -9.65 6.58
C LEU A 30 -24.24 -8.87 5.60
N GLY A 31 -24.12 -9.34 4.35
CA GLY A 31 -23.38 -8.60 3.30
C GLY A 31 -24.19 -7.59 2.51
N ASN A 32 -25.46 -7.44 2.89
CA ASN A 32 -26.35 -6.45 2.30
C ASN A 32 -26.58 -5.26 3.24
N LEU A 33 -26.88 -4.12 2.64
CA LEU A 33 -27.39 -2.95 3.34
C LEU A 33 -28.90 -2.98 3.32
N LEU A 34 -29.49 -2.58 4.46
CA LEU A 34 -30.92 -2.36 4.56
C LEU A 34 -31.18 -0.93 4.10
N LEU A 35 -32.03 -0.78 3.10
CA LEU A 35 -32.51 0.53 2.67
C LEU A 35 -33.97 0.68 3.01
N GLN A 36 -34.29 1.79 3.64
CA GLN A 36 -35.69 2.07 3.98
C GLN A 36 -36.01 3.49 3.59
N VAL A 37 -37.09 3.66 2.84
CA VAL A 37 -37.65 5.01 2.58
C VAL A 37 -38.87 5.14 3.47
N ALA A 38 -38.82 6.11 4.38
CA ALA A 38 -39.87 6.35 5.35
C ALA A 38 -39.75 7.81 5.81
N ASP A 39 -40.89 8.47 6.05
CA ASP A 39 -40.89 9.85 6.65
C ASP A 39 -39.88 10.85 6.04
N GLY A 40 -39.87 10.95 4.72
CA GLY A 40 -39.02 11.93 4.04
C GLY A 40 -37.52 11.58 4.06
N THR A 41 -37.19 10.33 4.39
CA THR A 41 -35.83 9.96 4.70
C THR A 41 -35.44 8.58 4.14
N LEU A 42 -34.22 8.51 3.62
CA LEU A 42 -33.58 7.25 3.30
C LEU A 42 -32.66 6.82 4.45
N SER A 43 -32.96 5.68 5.05
CA SER A 43 -32.10 5.07 6.01
C SER A 43 -31.32 3.91 5.42
N LEU A 44 -30.02 3.89 5.69
CA LEU A 44 -29.15 2.82 5.27
C LEU A 44 -28.53 2.19 6.52
N THR A 45 -28.66 0.88 6.68
CA THR A 45 -28.12 0.18 7.84
C THR A 45 -27.26 -1.03 7.45
N GLY A 46 -26.18 -1.22 8.21
CA GLY A 46 -25.31 -2.41 8.10
C GLY A 46 -25.06 -2.96 9.47
N THR A 47 -24.95 -4.27 9.56
CA THR A 47 -24.74 -4.92 10.84
C THR A 47 -23.94 -6.21 10.65
N ASP A 48 -23.21 -6.60 11.70
CA ASP A 48 -22.58 -7.92 11.81
C ASP A 48 -23.11 -8.64 13.05
N LEU A 49 -24.25 -8.17 13.56
CA LEU A 49 -24.93 -8.76 14.74
C LEU A 49 -24.38 -8.27 16.07
N GLU A 50 -23.18 -7.71 16.08
CA GLU A 50 -22.56 -7.20 17.31
C GLU A 50 -22.61 -5.68 17.29
N MET A 51 -22.47 -5.09 16.11
CA MET A 51 -22.62 -3.67 15.98
C MET A 51 -23.45 -3.31 14.76
N GLU A 52 -23.90 -2.06 14.71
CA GLU A 52 -24.78 -1.61 13.66
C GLU A 52 -24.46 -0.15 13.33
N MET A 53 -24.40 0.19 12.03
CA MET A 53 -24.27 1.58 11.59
C MET A 53 -25.51 1.95 10.78
N VAL A 54 -26.11 3.08 11.12
CA VAL A 54 -27.26 3.64 10.41
C VAL A 54 -26.93 5.06 9.93
N ALA A 55 -27.25 5.37 8.67
CA ALA A 55 -27.16 6.72 8.13
C ALA A 55 -28.52 7.14 7.67
N ARG A 56 -28.90 8.39 7.94
CA ARG A 56 -30.12 8.95 7.37
C ARG A 56 -29.77 10.02 6.35
N VAL A 57 -30.52 10.02 5.24
CA VAL A 57 -30.35 10.96 4.15
C VAL A 57 -31.72 11.54 3.87
N ALA A 58 -31.84 12.87 4.00
CA ALA A 58 -33.10 13.54 3.63
C ALA A 58 -33.38 13.39 2.13
N LEU A 59 -34.63 13.06 1.80
CA LEU A 59 -35.06 12.95 0.43
C LEU A 59 -35.83 14.23 0.03
N VAL A 60 -35.24 15.03 -0.85
CA VAL A 60 -35.86 16.30 -1.30
C VAL A 60 -36.55 16.14 -2.63
N GLN A 61 -36.28 15.04 -3.30
CA GLN A 61 -36.96 14.73 -4.51
C GLN A 61 -38.08 13.78 -4.17
N PRO A 62 -39.05 13.66 -5.07
CA PRO A 62 -40.17 12.73 -4.92
C PRO A 62 -39.68 11.30 -4.68
N HIS A 63 -40.41 10.60 -3.84
CA HIS A 63 -39.99 9.28 -3.41
C HIS A 63 -41.21 8.50 -3.01
N GLU A 64 -41.02 7.19 -2.87
CA GLU A 64 -42.07 6.26 -2.53
C GLU A 64 -41.56 5.34 -1.42
N PRO A 65 -42.41 5.06 -0.42
CA PRO A 65 -41.88 4.31 0.73
C PRO A 65 -41.68 2.83 0.47
N GLY A 66 -40.88 2.19 1.31
CA GLY A 66 -40.65 0.75 1.24
C GLY A 66 -39.21 0.45 1.65
N ALA A 67 -38.89 -0.83 1.71
CA ALA A 67 -37.58 -1.24 2.20
C ALA A 67 -37.12 -2.48 1.48
N THR A 68 -35.82 -2.63 1.36
CA THR A 68 -35.23 -3.82 0.78
C THR A 68 -33.82 -3.93 1.29
N THR A 69 -33.13 -5.01 0.94
CA THR A 69 -31.70 -5.07 1.18
C THR A 69 -30.96 -5.37 -0.11
N VAL A 70 -29.73 -4.86 -0.23
CA VAL A 70 -28.90 -5.02 -1.44
C VAL A 70 -27.46 -5.25 -1.06
N PRO A 71 -26.70 -5.98 -1.90
CA PRO A 71 -25.27 -6.22 -1.71
C PRO A 71 -24.55 -4.89 -1.52
N ALA A 72 -23.92 -4.73 -0.35
CA ALA A 72 -23.42 -3.45 0.07
C ALA A 72 -22.24 -3.00 -0.80
N ARG A 73 -21.23 -3.86 -0.89
CA ARG A 73 -20.02 -3.57 -1.67
C ARG A 73 -20.34 -3.23 -3.14
N LYS A 74 -21.18 -4.03 -3.77
CA LYS A 74 -21.58 -3.79 -5.15
C LYS A 74 -22.28 -2.47 -5.31
N PHE A 75 -23.18 -2.14 -4.39
CA PHE A 75 -23.94 -0.89 -4.48
C PHE A 75 -23.00 0.30 -4.25
N PHE A 76 -22.13 0.23 -3.23
CA PHE A 76 -21.12 1.25 -2.96
C PHE A 76 -20.23 1.45 -4.19
N ASP A 77 -19.70 0.34 -4.73
CA ASP A 77 -18.81 0.39 -5.90
C ASP A 77 -19.45 1.05 -7.11
N ILE A 78 -20.73 0.76 -7.34
CA ILE A 78 -21.43 1.34 -8.47
C ILE A 78 -21.58 2.86 -8.27
N CYS A 79 -22.01 3.25 -7.09
CA CYS A 79 -22.22 4.66 -6.81
C CYS A 79 -20.89 5.45 -6.87
N ARG A 80 -19.84 4.89 -6.28
CA ARG A 80 -18.50 5.49 -6.25
C ARG A 80 -17.96 5.56 -7.68
N GLY A 81 -18.27 4.56 -8.51
CA GLY A 81 -17.82 4.53 -9.91
C GLY A 81 -18.50 5.54 -10.83
N LEU A 82 -19.66 6.05 -10.43
CA LEU A 82 -20.34 7.07 -11.22
C LEU A 82 -19.62 8.44 -11.14
N PRO A 83 -19.81 9.32 -12.14
CA PRO A 83 -19.09 10.57 -12.18
C PRO A 83 -19.54 11.59 -11.12
N GLU A 84 -18.65 12.49 -10.78
CA GLU A 84 -18.99 13.60 -9.93
C GLU A 84 -20.25 14.28 -10.49
N GLY A 85 -21.17 14.63 -9.58
CA GLY A 85 -22.42 15.34 -9.95
C GLY A 85 -23.55 14.47 -10.41
N ALA A 86 -23.34 13.16 -10.42
CA ALA A 86 -24.33 12.25 -10.90
C ALA A 86 -25.54 12.23 -9.96
N GLU A 87 -26.71 12.02 -10.55
CA GLU A 87 -27.93 11.79 -9.80
C GLU A 87 -28.26 10.30 -9.87
N ILE A 88 -28.61 9.70 -8.74
CA ILE A 88 -28.85 8.26 -8.70
C ILE A 88 -30.32 7.97 -8.39
N ALA A 89 -31.01 7.38 -9.36
CA ALA A 89 -32.41 6.98 -9.23
C ALA A 89 -32.51 5.48 -8.97
N VAL A 90 -33.23 5.12 -7.90
CA VAL A 90 -33.30 3.76 -7.43
C VAL A 90 -34.78 3.41 -7.31
N GLN A 91 -35.14 2.21 -7.74
CA GLN A 91 -36.47 1.69 -7.49
C GLN A 91 -36.46 0.17 -7.51
N LEU A 92 -37.45 -0.39 -6.85
CA LEU A 92 -37.60 -1.84 -6.75
C LEU A 92 -38.41 -2.35 -7.91
N GLU A 93 -38.04 -3.54 -8.42
CA GLU A 93 -38.78 -4.22 -9.47
C GLU A 93 -38.66 -5.73 -9.25
N GLY A 94 -39.77 -6.37 -8.85
CA GLY A 94 -39.76 -7.79 -8.53
C GLY A 94 -38.74 -8.06 -7.45
N GLU A 95 -37.86 -9.03 -7.68
CA GLU A 95 -36.82 -9.35 -6.71
C GLU A 95 -35.53 -8.51 -6.90
N ARG A 96 -35.56 -7.49 -7.75
CA ARG A 96 -34.36 -6.72 -8.10
C ARG A 96 -34.47 -5.27 -7.68
N MET A 97 -33.31 -4.63 -7.50
CA MET A 97 -33.25 -3.18 -7.30
C MET A 97 -32.58 -2.55 -8.50
N LEU A 98 -33.30 -1.64 -9.17
CA LEU A 98 -32.76 -0.91 -10.33
C LEU A 98 -32.11 0.36 -9.87
N VAL A 99 -30.96 0.66 -10.47
CA VAL A 99 -30.13 1.83 -10.15
C VAL A 99 -29.83 2.48 -11.47
N ARG A 100 -30.26 3.71 -11.67
CA ARG A 100 -30.10 4.40 -12.94
C ARG A 100 -29.44 5.73 -12.71
N SER A 101 -28.43 6.02 -13.52
CA SER A 101 -27.80 7.31 -13.48
C SER A 101 -27.27 7.64 -14.88
N GLY A 102 -27.73 8.77 -15.47
CA GLY A 102 -27.38 9.09 -16.85
C GLY A 102 -27.84 7.94 -17.73
N ARG A 103 -26.93 7.38 -18.55
CA ARG A 103 -27.25 6.17 -19.31
C ARG A 103 -26.48 4.95 -18.80
N SER A 104 -26.28 4.93 -17.49
CA SER A 104 -25.73 3.81 -16.76
C SER A 104 -26.87 3.14 -15.97
N ARG A 105 -27.04 1.85 -16.14
CA ARG A 105 -28.15 1.12 -15.49
C ARG A 105 -27.65 -0.17 -14.88
N PHE A 106 -28.17 -0.51 -13.70
CA PHE A 106 -27.72 -1.66 -12.97
C PHE A 106 -28.94 -2.30 -12.31
N SER A 107 -28.99 -3.63 -12.33
CA SER A 107 -30.02 -4.37 -11.64
C SER A 107 -29.34 -5.29 -10.62
N LEU A 108 -29.64 -5.07 -9.35
CA LEU A 108 -29.01 -5.78 -8.27
C LEU A 108 -29.99 -6.76 -7.62
N SER A 109 -29.47 -7.86 -7.10
CA SER A 109 -30.28 -8.80 -6.32
C SER A 109 -30.63 -8.16 -4.98
N THR A 110 -31.74 -8.61 -4.39
CA THR A 110 -32.19 -8.11 -3.08
C THR A 110 -32.44 -9.29 -2.17
N LEU A 111 -32.34 -9.07 -0.87
CA LEU A 111 -32.95 -9.99 0.12
C LEU A 111 -34.00 -9.23 0.91
N PRO A 112 -35.04 -9.95 1.40
CA PRO A 112 -36.15 -9.20 1.99
C PRO A 112 -35.75 -8.40 3.25
N ALA A 113 -36.27 -7.18 3.37
CA ALA A 113 -36.02 -6.33 4.54
C ALA A 113 -36.51 -6.99 5.84
N ALA A 114 -37.57 -7.81 5.74
CA ALA A 114 -38.04 -8.55 6.93
C ALA A 114 -37.00 -9.54 7.45
N ASP A 115 -36.04 -9.97 6.64
CA ASP A 115 -34.99 -10.92 7.11
C ASP A 115 -33.79 -10.19 7.74
N PHE A 116 -33.79 -8.86 7.69
CA PHE A 116 -32.63 -8.11 8.14
C PHE A 116 -32.66 -8.02 9.65
N PRO A 117 -31.58 -8.46 10.30
CA PRO A 117 -31.61 -8.63 11.76
C PRO A 117 -31.43 -7.32 12.50
N ASN A 118 -31.99 -7.24 13.70
CA ASN A 118 -31.89 -6.06 14.58
C ASN A 118 -31.11 -6.40 15.82
N LEU A 119 -30.43 -5.43 16.39
CA LEU A 119 -29.89 -5.59 17.74
C LEU A 119 -31.05 -5.61 18.75
N ASP A 120 -30.89 -6.35 19.85
CA ASP A 120 -31.89 -6.37 20.92
C ASP A 120 -32.14 -4.97 21.42
N ASP A 121 -33.36 -4.67 21.86
CA ASP A 121 -33.67 -3.38 22.49
C ASP A 121 -32.87 -3.22 23.80
N TRP A 122 -32.61 -1.98 24.18
CA TRP A 122 -31.85 -1.67 25.41
C TRP A 122 -32.13 -0.25 25.88
N GLN A 123 -31.70 0.06 27.09
CA GLN A 123 -31.94 1.35 27.74
C GLN A 123 -30.63 2.13 28.00
N SER A 124 -30.67 3.44 27.78
CA SER A 124 -29.53 4.33 28.03
C SER A 124 -29.47 4.66 29.53
N GLU A 125 -28.30 4.45 30.16
CA GLU A 125 -28.05 4.74 31.57
C GLU A 125 -27.14 5.94 31.81
N VAL A 126 -26.14 6.09 30.95
CA VAL A 126 -25.20 7.21 31.06
C VAL A 126 -25.17 7.96 29.71
N GLU A 127 -25.14 9.29 29.74
CA GLU A 127 -25.12 10.09 28.50
C GLU A 127 -24.31 11.37 28.63
N PHE A 128 -23.65 11.74 27.55
CA PHE A 128 -22.86 12.97 27.48
C PHE A 128 -22.61 13.32 26.04
N THR A 129 -22.15 14.55 25.85
CA THR A 129 -21.79 15.08 24.57
C THR A 129 -20.32 15.50 24.62
N LEU A 130 -19.65 15.43 23.47
CA LEU A 130 -18.29 15.97 23.35
C LEU A 130 -17.98 16.30 21.91
N PRO A 131 -16.95 17.15 21.69
CA PRO A 131 -16.59 17.42 20.31
C PRO A 131 -16.04 16.16 19.64
N GLN A 132 -16.30 16.00 18.35
CA GLN A 132 -15.74 14.88 17.60
C GLN A 132 -14.24 14.87 17.71
N ALA A 133 -13.59 16.04 17.67
CA ALA A 133 -12.12 16.06 17.69
C ALA A 133 -11.58 15.47 19.00
N THR A 134 -12.35 15.63 20.06
CA THR A 134 -11.96 15.13 21.36
C THR A 134 -12.08 13.58 21.34
N MET A 135 -13.20 13.05 20.87
CA MET A 135 -13.31 11.57 20.74
C MET A 135 -12.19 11.00 19.86
N LYS A 136 -11.87 11.72 18.78
CA LYS A 136 -10.83 11.30 17.86
C LYS A 136 -9.48 11.18 18.54
N ARG A 137 -9.11 12.25 19.26
CA ARG A 137 -7.92 12.31 20.08
C ARG A 137 -7.90 11.15 21.10
N LEU A 138 -9.02 10.90 21.77
CA LEU A 138 -9.06 9.87 22.80
C LEU A 138 -8.77 8.47 22.23
N ILE A 139 -9.34 8.18 21.07
CA ILE A 139 -9.17 6.87 20.47
C ILE A 139 -7.80 6.71 19.84
N GLU A 140 -7.37 7.72 19.11
CA GLU A 140 -6.06 7.72 18.43
C GLU A 140 -4.92 7.66 19.39
N ALA A 141 -5.07 8.28 20.55
CA ALA A 141 -4.07 8.20 21.61
C ALA A 141 -3.79 6.79 22.11
N THR A 142 -4.78 5.91 22.06
CA THR A 142 -4.67 4.63 22.77
C THR A 142 -4.90 3.38 21.94
N GLN A 143 -5.49 3.53 20.77
CA GLN A 143 -6.05 2.39 20.04
C GLN A 143 -5.00 1.34 19.68
N PHE A 144 -3.80 1.79 19.39
CA PHE A 144 -2.71 0.91 19.03
C PHE A 144 -2.33 -0.05 20.16
N SER A 145 -2.71 0.25 21.39
CA SER A 145 -2.33 -0.61 22.51
C SER A 145 -3.36 -1.69 22.84
N MET A 146 -4.49 -1.72 22.12
CA MET A 146 -5.50 -2.78 22.34
C MET A 146 -4.90 -4.10 21.95
N ALA A 147 -5.32 -5.18 22.60
CA ALA A 147 -5.02 -6.50 22.08
C ALA A 147 -5.82 -6.75 20.80
N HIS A 148 -5.37 -7.74 20.06
CA HIS A 148 -6.05 -8.12 18.81
C HIS A 148 -6.92 -9.36 18.97
N GLN A 149 -6.31 -10.47 19.34
CA GLN A 149 -7.11 -11.68 19.59
C GLN A 149 -6.61 -12.46 20.77
N ASP A 150 -6.36 -11.74 21.83
CA ASP A 150 -6.00 -12.32 23.12
C ASP A 150 -7.15 -13.20 23.64
N VAL A 151 -6.78 -14.31 24.28
CA VAL A 151 -7.78 -15.14 24.98
C VAL A 151 -8.40 -14.42 26.18
N ARG A 152 -7.78 -13.35 26.67
CA ARG A 152 -8.50 -12.45 27.56
C ARG A 152 -9.29 -11.46 26.70
N TYR A 153 -10.56 -11.80 26.46
CA TYR A 153 -11.43 -11.09 25.51
C TYR A 153 -11.58 -9.63 25.91
N TYR A 154 -11.57 -9.39 27.21
CA TYR A 154 -11.74 -8.02 27.75
C TYR A 154 -10.62 -7.06 27.34
N LEU A 155 -9.49 -7.60 26.87
CA LEU A 155 -8.38 -6.76 26.32
C LEU A 155 -8.48 -6.43 24.83
N ASN A 156 -9.40 -7.09 24.14
CA ASN A 156 -9.58 -6.90 22.69
C ASN A 156 -10.59 -5.81 22.43
N GLY A 157 -10.27 -4.64 22.93
CA GLY A 157 -11.22 -3.55 22.97
C GLY A 157 -10.63 -2.44 23.79
N MET A 158 -11.45 -1.43 24.06
CA MET A 158 -10.97 -0.24 24.71
C MET A 158 -11.95 0.16 25.82
N LEU A 159 -11.40 0.42 26.98
CA LEU A 159 -12.16 0.91 28.10
C LEU A 159 -12.50 2.35 27.82
N PHE A 160 -13.77 2.68 27.99
CA PHE A 160 -14.25 4.06 28.03
C PHE A 160 -14.75 4.28 29.45
N GLU A 161 -14.13 5.24 30.12
CA GLU A 161 -14.41 5.53 31.53
C GLU A 161 -14.74 6.99 31.73
N THR A 162 -15.77 7.23 32.53
CA THR A 162 -16.20 8.58 32.89
C THR A 162 -15.87 8.76 34.38
N GLU A 163 -15.23 9.89 34.69
CA GLU A 163 -14.87 10.24 36.07
C GLU A 163 -14.74 11.77 36.15
N GLY A 164 -15.60 12.37 36.97
CA GLY A 164 -15.56 13.82 37.19
C GLY A 164 -16.08 14.48 35.97
N GLU A 165 -15.24 15.25 35.27
CA GLU A 165 -15.63 15.81 33.99
C GLU A 165 -14.82 15.20 32.85
N GLU A 166 -14.13 14.09 33.11
CA GLU A 166 -13.27 13.48 32.12
C GLU A 166 -13.87 12.24 31.49
N LEU A 167 -13.72 12.15 30.19
CA LEU A 167 -13.88 10.90 29.46
C LEU A 167 -12.48 10.38 29.24
N ARG A 168 -12.29 9.09 29.52
CA ARG A 168 -10.98 8.48 29.50
C ARG A 168 -11.05 7.19 28.69
N THR A 169 -10.02 6.96 27.89
CA THR A 169 -9.81 5.69 27.20
C THR A 169 -8.61 4.99 27.76
N VAL A 170 -8.68 3.66 27.83
CA VAL A 170 -7.58 2.83 28.27
C VAL A 170 -7.53 1.66 27.32
N ALA A 171 -6.33 1.33 26.86
CA ALA A 171 -6.13 0.15 26.07
C ALA A 171 -4.82 -0.52 26.49
N THR A 172 -4.86 -1.83 26.63
CA THR A 172 -3.67 -2.58 26.96
C THR A 172 -3.73 -4.00 26.37
N ASP A 173 -2.57 -4.58 26.11
CA ASP A 173 -2.55 -5.94 25.57
C ASP A 173 -1.86 -6.87 26.57
N GLY A 174 -1.65 -6.37 27.78
CA GLY A 174 -0.95 -7.11 28.80
C GLY A 174 0.56 -7.06 28.72
N HIS A 175 1.10 -6.25 27.79
CA HIS A 175 2.55 -6.01 27.66
C HIS A 175 2.83 -4.52 27.74
N ARG A 176 1.91 -3.73 27.21
CA ARG A 176 2.01 -2.28 27.25
C ARG A 176 0.61 -1.68 27.41
N LEU A 177 0.56 -0.41 27.78
CA LEU A 177 -0.72 0.26 28.06
C LEU A 177 -0.69 1.70 27.63
N ALA A 178 -1.86 2.19 27.24
CA ALA A 178 -2.07 3.55 26.86
C ALA A 178 -3.32 4.07 27.59
N VAL A 179 -3.23 5.29 28.11
CA VAL A 179 -4.38 5.91 28.74
C VAL A 179 -4.42 7.39 28.39
N CYS A 180 -5.63 7.85 28.10
CA CYS A 180 -5.84 9.26 27.74
C CYS A 180 -7.11 9.79 28.39
N SER A 181 -7.03 10.96 29.05
CA SER A 181 -8.19 11.59 29.69
C SER A 181 -8.36 12.99 29.14
N MET A 182 -9.60 13.36 28.83
CA MET A 182 -9.92 14.69 28.31
C MET A 182 -11.13 15.23 29.04
N PRO A 183 -11.06 16.50 29.53
CA PRO A 183 -12.24 17.11 30.15
C PRO A 183 -13.28 17.48 29.11
N ILE A 184 -14.54 17.20 29.42
CA ILE A 184 -15.60 17.49 28.44
C ILE A 184 -16.67 18.44 28.97
N GLY A 185 -16.41 19.04 30.14
CA GLY A 185 -17.24 20.16 30.65
C GLY A 185 -18.61 19.80 31.17
N GLN A 186 -18.82 18.53 31.51
CA GLN A 186 -20.03 18.05 32.11
C GLN A 186 -19.70 17.28 33.38
N SER A 187 -20.58 17.35 34.38
CA SER A 187 -20.42 16.50 35.56
C SER A 187 -20.89 15.09 35.24
N LEU A 188 -19.96 14.15 35.22
CA LEU A 188 -20.23 12.78 34.79
C LEU A 188 -20.31 11.80 35.95
N PRO A 189 -21.13 10.73 35.81
CA PRO A 189 -21.09 9.70 36.81
C PRO A 189 -19.83 8.91 36.62
N SER A 190 -19.43 8.19 37.66
CA SER A 190 -18.27 7.33 37.57
C SER A 190 -18.69 6.01 37.01
N HIS A 191 -18.14 5.64 35.85
CA HIS A 191 -18.59 4.49 35.12
C HIS A 191 -17.53 4.05 34.12
N SER A 192 -17.49 2.75 33.80
N SER A 192 -17.55 2.76 33.78
CA SER A 192 -16.63 2.30 32.71
CA SER A 192 -16.61 2.21 32.82
C SER A 192 -17.22 1.09 31.99
C SER A 192 -17.31 1.12 31.98
N VAL A 193 -16.95 1.03 30.70
CA VAL A 193 -17.37 -0.06 29.82
C VAL A 193 -16.25 -0.41 28.84
N ILE A 194 -16.32 -1.61 28.27
CA ILE A 194 -15.34 -2.06 27.30
C ILE A 194 -16.01 -2.15 25.93
N VAL A 195 -15.49 -1.37 24.99
CA VAL A 195 -15.98 -1.37 23.62
C VAL A 195 -15.10 -2.31 22.81
N PRO A 196 -15.70 -3.28 22.09
CA PRO A 196 -14.91 -4.20 21.27
C PRO A 196 -14.07 -3.47 20.20
N ARG A 197 -12.89 -3.99 19.92
CA ARG A 197 -11.99 -3.32 19.00
C ARG A 197 -12.63 -3.01 17.67
N LYS A 198 -13.46 -3.91 17.12
CA LYS A 198 -14.10 -3.61 15.86
C LYS A 198 -15.03 -2.37 15.97
N GLY A 199 -15.72 -2.25 17.09
CA GLY A 199 -16.55 -1.08 17.36
C GLY A 199 -15.74 0.20 17.47
N VAL A 200 -14.58 0.12 18.08
CA VAL A 200 -13.68 1.27 18.24
C VAL A 200 -13.26 1.80 16.88
N ILE A 201 -12.94 0.88 15.96
CA ILE A 201 -12.50 1.26 14.59
C ILE A 201 -13.62 1.96 13.83
N GLU A 202 -14.83 1.43 13.90
CA GLU A 202 -15.96 2.09 13.24
C GLU A 202 -16.24 3.45 13.83
N LEU A 203 -16.25 3.54 15.15
CA LEU A 203 -16.48 4.82 15.79
C LEU A 203 -15.45 5.85 15.32
N MET A 204 -14.19 5.44 15.32
CA MET A 204 -13.16 6.33 14.85
C MET A 204 -13.43 6.77 13.40
N ARG A 205 -13.86 5.83 12.56
CA ARG A 205 -14.09 6.11 11.16
C ARG A 205 -15.27 7.01 10.87
N MET A 206 -16.25 7.07 11.78
CA MET A 206 -17.39 7.97 11.60
C MET A 206 -17.08 9.41 11.98
N LEU A 207 -15.96 9.67 12.63
CA LEU A 207 -15.58 11.05 12.93
C LEU A 207 -15.14 11.73 11.61
N ASP A 208 -15.99 12.59 11.06
CA ASP A 208 -15.78 13.12 9.70
C ASP A 208 -14.72 14.22 9.61
N GLY A 209 -14.43 14.87 10.73
CA GLY A 209 -13.56 16.05 10.76
C GLY A 209 -14.33 17.37 10.84
N GLY A 210 -15.63 17.29 11.10
CA GLY A 210 -16.50 18.47 11.15
C GLY A 210 -16.81 18.89 12.58
N ASP A 211 -17.72 19.85 12.71
CA ASP A 211 -18.01 20.50 13.99
C ASP A 211 -19.21 19.90 14.73
N ASN A 212 -20.00 19.04 14.09
CA ASN A 212 -21.16 18.41 14.77
C ASN A 212 -20.67 17.73 16.04
N PRO A 213 -21.21 18.10 17.21
CA PRO A 213 -20.80 17.36 18.42
C PRO A 213 -21.20 15.88 18.33
N LEU A 214 -20.61 15.05 19.16
CA LEU A 214 -20.97 13.66 19.29
C LEU A 214 -21.84 13.49 20.53
N ARG A 215 -22.94 12.74 20.40
CA ARG A 215 -23.71 12.37 21.57
C ARG A 215 -23.52 10.89 21.86
N VAL A 216 -23.14 10.56 23.10
CA VAL A 216 -22.87 9.21 23.50
C VAL A 216 -23.91 8.75 24.51
N GLN A 217 -24.46 7.56 24.28
CA GLN A 217 -25.36 6.87 25.18
C GLN A 217 -24.81 5.49 25.53
N ILE A 218 -24.71 5.22 26.83
CA ILE A 218 -24.25 3.95 27.32
C ILE A 218 -25.30 3.24 28.16
N GLY A 219 -25.52 1.98 27.80
CA GLY A 219 -26.38 1.08 28.54
C GLY A 219 -25.58 -0.01 29.20
N SER A 220 -26.25 -0.96 29.84
CA SER A 220 -25.52 -1.99 30.58
C SER A 220 -24.75 -2.90 29.62
N ASN A 221 -25.25 -3.07 28.38
CA ASN A 221 -24.68 -4.00 27.42
C ASN A 221 -24.40 -3.39 26.05
N ASN A 222 -24.53 -2.06 25.94
CA ASN A 222 -24.41 -1.37 24.64
C ASN A 222 -23.87 0.03 24.76
N ILE A 223 -23.27 0.49 23.67
CA ILE A 223 -22.95 1.90 23.51
C ILE A 223 -23.44 2.43 22.17
N ARG A 224 -23.86 3.69 22.14
CA ARG A 224 -24.32 4.33 20.93
C ARG A 224 -23.65 5.67 20.81
N ALA A 225 -23.28 6.02 19.60
CA ALA A 225 -22.74 7.31 19.25
C ALA A 225 -23.53 7.88 18.09
N HIS A 226 -23.99 9.12 18.24
CA HIS A 226 -24.76 9.85 17.22
C HIS A 226 -23.90 10.99 16.80
N VAL A 227 -23.53 11.06 15.53
CA VAL A 227 -22.87 12.26 15.00
C VAL A 227 -23.44 12.57 13.64
N GLY A 228 -23.82 13.85 13.44
CA GLY A 228 -24.59 14.28 12.30
C GLY A 228 -25.76 13.34 12.06
N ASP A 229 -25.82 12.76 10.86
CA ASP A 229 -26.93 11.88 10.52
C ASP A 229 -26.49 10.41 10.52
N PHE A 230 -25.52 10.07 11.38
CA PHE A 230 -25.10 8.70 11.59
C PHE A 230 -25.35 8.26 13.02
N ILE A 231 -25.78 7.02 13.18
CA ILE A 231 -25.94 6.42 14.50
C ILE A 231 -25.23 5.08 14.52
N PHE A 232 -24.20 4.98 15.36
CA PHE A 232 -23.46 3.75 15.57
C PHE A 232 -23.85 3.11 16.89
N THR A 233 -24.13 1.82 16.85
CA THR A 233 -24.42 1.03 18.05
C THR A 233 -23.56 -0.22 18.10
N SER A 234 -23.00 -0.49 19.28
CA SER A 234 -22.21 -1.71 19.50
C SER A 234 -22.58 -2.39 20.81
N LYS A 235 -22.52 -3.72 20.82
CA LYS A 235 -22.44 -4.45 22.07
C LYS A 235 -21.12 -4.14 22.79
N LEU A 236 -21.12 -4.37 24.10
CA LEU A 236 -19.97 -4.13 24.95
C LEU A 236 -19.34 -5.47 25.29
N VAL A 237 -18.10 -5.46 25.79
CA VAL A 237 -17.41 -6.68 26.16
C VAL A 237 -17.50 -6.92 27.68
N ASP A 238 -17.70 -8.18 28.07
CA ASP A 238 -17.70 -8.65 29.48
C ASP A 238 -16.32 -8.81 30.06
N GLY A 239 -16.19 -8.78 31.38
CA GLY A 239 -14.94 -9.10 32.05
C GLY A 239 -14.40 -7.90 32.81
N ARG A 240 -13.46 -8.15 33.72
CA ARG A 240 -12.91 -7.08 34.58
C ARG A 240 -11.68 -6.50 33.88
N PHE A 241 -11.80 -5.25 33.40
CA PHE A 241 -10.67 -4.61 32.73
C PHE A 241 -9.65 -4.24 33.81
N PRO A 242 -8.34 -4.37 33.51
CA PRO A 242 -7.37 -3.93 34.51
C PRO A 242 -7.49 -2.45 34.86
N ASP A 243 -6.93 -2.11 36.01
CA ASP A 243 -6.90 -0.74 36.54
C ASP A 243 -5.59 -0.07 36.12
N TYR A 244 -5.72 0.93 35.25
CA TYR A 244 -4.57 1.66 34.75
C TYR A 244 -3.70 2.27 35.86
N ARG A 245 -4.33 2.59 36.99
CA ARG A 245 -3.60 3.18 38.09
C ARG A 245 -2.64 2.19 38.71
N ARG A 246 -2.88 0.90 38.49
CA ARG A 246 -2.01 -0.16 38.99
C ARG A 246 -0.93 -0.45 38.01
N VAL A 247 -1.13 -0.05 36.75
CA VAL A 247 -0.14 -0.25 35.72
C VAL A 247 0.80 0.93 35.66
N LEU A 248 0.25 2.14 35.75
CA LEU A 248 1.09 3.34 35.90
C LEU A 248 1.99 3.17 37.10
N PRO A 249 3.28 3.50 36.95
CA PRO A 249 4.17 3.35 38.08
C PRO A 249 3.70 4.20 39.25
N LYS A 250 4.02 3.72 40.45
CA LYS A 250 3.61 4.38 41.68
C LYS A 250 4.19 5.80 41.82
N ASN A 251 5.46 5.97 41.48
CA ASN A 251 6.15 7.23 41.71
C ASN A 251 7.40 7.28 40.82
N PRO A 252 7.21 7.52 39.50
CA PRO A 252 8.34 7.47 38.57
C PRO A 252 9.14 8.76 38.61
N ASP A 253 9.87 8.96 39.70
N ASP A 253 9.85 8.92 39.72
CA ASP A 253 10.58 10.20 40.01
CA ASP A 253 10.68 10.07 40.07
C ASP A 253 11.79 10.54 39.15
C ASP A 253 11.68 10.55 39.05
N LYS A 254 12.28 9.62 38.33
CA LYS A 254 13.43 9.92 37.47
C LYS A 254 12.89 10.38 36.14
N HIS A 255 13.10 11.65 35.78
CA HIS A 255 12.48 12.25 34.57
C HIS A 255 13.55 12.58 33.51
N LEU A 256 13.40 11.99 32.34
CA LEU A 256 14.26 12.24 31.18
C LEU A 256 13.43 12.92 30.08
N GLU A 257 14.00 13.91 29.42
N GLU A 257 13.95 13.98 29.47
CA GLU A 257 13.31 14.61 28.34
CA GLU A 257 13.30 14.65 28.34
C GLU A 257 14.20 14.69 27.09
C GLU A 257 14.21 14.63 27.10
N ALA A 258 13.62 14.34 25.95
CA ALA A 258 14.36 14.19 24.72
C ALA A 258 13.44 14.56 23.56
N GLY A 259 14.05 14.92 22.44
CA GLY A 259 13.30 15.16 21.23
C GLY A 259 12.64 13.87 20.76
N CYS A 260 11.35 13.95 20.50
CA CYS A 260 10.57 12.78 20.13
C CYS A 260 11.08 12.13 18.84
N ASP A 261 11.27 12.92 17.78
CA ASP A 261 11.71 12.38 16.48
C ASP A 261 13.12 11.85 16.53
N LEU A 262 14.00 12.58 17.23
CA LEU A 262 15.38 12.11 17.42
C LEU A 262 15.41 10.79 18.16
N LEU A 263 14.61 10.69 19.20
CA LEU A 263 14.56 9.44 19.96
C LEU A 263 14.02 8.31 19.09
N LYS A 264 12.94 8.59 18.36
CA LYS A 264 12.37 7.63 17.44
C LYS A 264 13.43 7.12 16.44
N GLN A 265 14.13 8.03 15.78
CA GLN A 265 15.12 7.62 14.83
C GLN A 265 16.23 6.75 15.39
N ALA A 266 16.69 7.14 16.57
CA ALA A 266 17.76 6.41 17.24
C ALA A 266 17.33 4.98 17.58
N PHE A 267 16.14 4.86 18.15
CA PHE A 267 15.63 3.53 18.49
C PHE A 267 15.46 2.67 17.22
N ALA A 268 14.96 3.26 16.14
CA ALA A 268 14.76 2.51 14.88
C ALA A 268 16.07 2.07 14.22
N ARG A 269 17.08 2.93 14.22
CA ARG A 269 18.42 2.49 13.81
C ARG A 269 19.01 1.35 14.69
N ALA A 270 19.04 1.55 16.02
CA ALA A 270 19.55 0.52 16.93
C ALA A 270 18.86 -0.84 16.73
N ALA A 271 17.54 -0.81 16.55
CA ALA A 271 16.71 -2.02 16.35
C ALA A 271 17.19 -2.93 15.21
N ILE A 272 17.82 -2.34 14.21
CA ILE A 272 18.33 -3.11 13.07
C ILE A 272 19.28 -4.22 13.50
N LEU A 273 20.07 -4.00 14.56
CA LEU A 273 21.06 -4.98 14.98
C LEU A 273 20.66 -5.65 16.32
N SER A 274 19.38 -5.60 16.62
CA SER A 274 18.81 -6.34 17.73
C SER A 274 18.43 -7.77 17.29
N ASN A 275 18.20 -8.63 18.28
CA ASN A 275 17.77 -10.01 18.03
C ASN A 275 16.41 -10.02 17.35
N GLU A 276 16.31 -10.75 16.24
CA GLU A 276 15.06 -10.80 15.50
C GLU A 276 13.96 -11.42 16.37
N LYS A 277 14.34 -12.35 17.25
CA LYS A 277 13.39 -12.98 18.19
C LYS A 277 12.96 -11.98 19.26
N PHE A 278 13.93 -11.26 19.82
CA PHE A 278 13.69 -10.31 20.90
C PHE A 278 14.20 -8.92 20.48
N ARG A 279 13.38 -8.18 19.76
CA ARG A 279 13.77 -6.89 19.22
C ARG A 279 13.79 -5.84 20.31
N GLY A 280 14.74 -5.99 21.21
CA GLY A 280 14.93 -5.10 22.34
C GLY A 280 16.23 -4.33 22.25
N VAL A 281 16.27 -3.19 22.94
CA VAL A 281 17.43 -2.32 23.01
C VAL A 281 17.70 -2.04 24.50
N ARG A 282 18.95 -1.75 24.84
CA ARG A 282 19.28 -1.39 26.22
C ARG A 282 19.45 0.10 26.26
N LEU A 283 18.86 0.75 27.26
CA LEU A 283 19.07 2.17 27.48
C LEU A 283 19.97 2.35 28.69
N TYR A 284 20.98 3.21 28.54
CA TYR A 284 21.82 3.67 29.66
C TYR A 284 21.54 5.14 29.88
N VAL A 285 20.86 5.46 30.97
CA VAL A 285 20.54 6.84 31.30
C VAL A 285 21.57 7.36 32.30
N SER A 286 22.12 8.53 32.01
CA SER A 286 23.09 9.15 32.90
C SER A 286 22.89 10.61 32.72
N GLU A 287 23.67 11.42 33.43
CA GLU A 287 23.42 12.85 33.47
C GLU A 287 23.44 13.44 32.05
N ASN A 288 22.32 14.04 31.68
CA ASN A 288 22.12 14.64 30.35
C ASN A 288 22.51 13.81 29.11
N GLN A 289 22.53 12.50 29.28
CA GLN A 289 22.88 11.61 28.19
C GLN A 289 22.06 10.34 28.21
N LEU A 290 21.68 9.90 27.01
CA LEU A 290 21.08 8.59 26.82
C LEU A 290 21.89 7.79 25.81
N LYS A 291 22.24 6.56 26.17
CA LYS A 291 22.89 5.65 25.27
C LYS A 291 21.96 4.47 25.02
N ILE A 292 21.76 4.17 23.74
CA ILE A 292 20.95 3.04 23.29
C ILE A 292 21.87 2.04 22.62
N THR A 293 21.82 0.79 23.03
CA THR A 293 22.62 -0.23 22.38
C THR A 293 21.76 -1.40 22.01
N ALA A 294 22.19 -2.09 20.96
CA ALA A 294 21.54 -3.30 20.51
C ALA A 294 22.60 -4.29 20.05
N ASN A 295 22.32 -5.58 20.19
CA ASN A 295 23.20 -6.57 19.61
C ASN A 295 22.41 -7.84 19.33
N ASN A 296 22.99 -8.73 18.53
CA ASN A 296 22.26 -9.88 18.02
C ASN A 296 23.10 -11.13 18.11
N PRO A 297 22.52 -12.30 17.80
CA PRO A 297 23.32 -13.53 17.87
C PRO A 297 24.59 -13.51 17.02
N GLU A 298 24.60 -12.74 15.92
CA GLU A 298 25.78 -12.68 15.04
C GLU A 298 26.92 -11.82 15.57
N GLN A 299 26.78 -11.31 16.80
CA GLN A 299 27.75 -10.42 17.44
C GLN A 299 27.82 -9.05 16.78
N GLU A 300 26.77 -8.68 16.03
CA GLU A 300 26.65 -7.33 15.49
C GLU A 300 26.15 -6.39 16.58
N GLU A 301 26.54 -5.13 16.49
CA GLU A 301 26.32 -4.17 17.57
C GLU A 301 25.98 -2.79 17.03
N ALA A 302 24.98 -2.18 17.66
CA ALA A 302 24.61 -0.80 17.38
C ALA A 302 24.75 0.00 18.66
N GLU A 303 25.15 1.25 18.51
CA GLU A 303 25.20 2.15 19.61
C GLU A 303 24.74 3.52 19.13
N GLU A 304 23.88 4.15 19.91
CA GLU A 304 23.44 5.51 19.67
C GLU A 304 23.63 6.31 20.97
N ILE A 305 24.14 7.53 20.86
CA ILE A 305 24.23 8.44 21.99
C ILE A 305 23.47 9.72 21.65
N LEU A 306 22.61 10.13 22.58
CA LEU A 306 21.78 11.32 22.44
C LEU A 306 21.97 12.24 23.62
N ASP A 307 21.90 13.55 23.37
CA ASP A 307 21.74 14.53 24.45
C ASP A 307 20.29 14.49 24.96
N VAL A 308 20.11 14.45 26.26
CA VAL A 308 18.78 14.59 26.88
C VAL A 308 18.93 15.49 28.08
N THR A 309 17.80 15.83 28.69
CA THR A 309 17.79 16.45 30.01
C THR A 309 17.40 15.36 31.01
N TYR A 310 18.32 15.05 31.92
CA TYR A 310 18.15 14.04 32.94
C TYR A 310 19.07 14.34 34.11
N SER A 311 18.47 14.50 35.28
CA SER A 311 19.21 14.56 36.51
C SER A 311 18.54 13.52 37.39
N GLY A 312 19.30 12.54 37.83
CA GLY A 312 18.74 11.40 38.51
C GLY A 312 19.84 10.38 38.52
N ALA A 313 19.65 9.31 39.26
CA ALA A 313 20.66 8.26 39.33
C ALA A 313 20.80 7.60 37.97
N GLU A 314 22.00 7.07 37.72
CA GLU A 314 22.27 6.30 36.53
C GLU A 314 21.55 4.97 36.61
N MET A 315 21.02 4.51 35.48
CA MET A 315 20.44 3.20 35.40
C MET A 315 20.43 2.67 33.97
N GLU A 316 20.29 1.35 33.86
CA GLU A 316 20.18 0.66 32.61
C GLU A 316 18.86 -0.07 32.63
N ILE A 317 18.20 -0.12 31.49
CA ILE A 317 16.92 -0.79 31.37
C ILE A 317 16.74 -1.21 29.91
N GLY A 318 16.13 -2.36 29.73
CA GLY A 318 15.87 -2.93 28.42
C GLY A 318 14.39 -2.79 28.01
N PHE A 319 14.16 -2.53 26.74
CA PHE A 319 12.81 -2.44 26.22
C PHE A 319 12.65 -3.14 24.90
N ASN A 320 11.44 -3.63 24.66
CA ASN A 320 10.98 -3.96 23.31
C ASN A 320 10.96 -2.69 22.45
N VAL A 321 11.69 -2.67 21.34
CA VAL A 321 11.76 -1.41 20.60
C VAL A 321 10.44 -1.08 19.91
N SER A 322 9.68 -2.07 19.46
CA SER A 322 8.45 -1.77 18.77
C SER A 322 7.44 -1.08 19.71
N TYR A 323 7.43 -1.44 20.99
CA TYR A 323 6.50 -0.79 21.91
C TYR A 323 6.82 0.67 22.13
N VAL A 324 8.10 1.01 22.23
CA VAL A 324 8.53 2.41 22.35
C VAL A 324 8.23 3.20 21.08
N LEU A 325 8.52 2.63 19.90
CA LEU A 325 8.22 3.31 18.64
C LEU A 325 6.72 3.55 18.44
N ASP A 326 5.89 2.60 18.88
CA ASP A 326 4.42 2.77 18.78
C ASP A 326 4.00 3.96 19.60
N VAL A 327 4.54 4.08 20.80
CA VAL A 327 4.24 5.22 21.66
C VAL A 327 4.69 6.54 21.02
N LEU A 328 5.95 6.59 20.57
CA LEU A 328 6.49 7.83 19.97
C LEU A 328 5.70 8.23 18.72
N ASN A 329 5.27 7.24 17.95
CA ASN A 329 4.48 7.51 16.76
C ASN A 329 3.08 7.99 17.07
N ALA A 330 2.56 7.62 18.25
CA ALA A 330 1.22 7.99 18.65
C ALA A 330 1.21 9.37 19.30
N LEU A 331 2.30 9.75 19.94
CA LEU A 331 2.43 11.07 20.59
C LEU A 331 2.50 12.21 19.58
N LYS A 332 3.19 12.02 18.47
CA LYS A 332 3.38 13.12 17.52
C LYS A 332 3.75 14.42 18.22
N CYS A 333 4.74 14.37 19.08
CA CYS A 333 5.04 15.57 19.84
C CYS A 333 6.44 16.06 19.56
N GLU A 334 6.80 17.20 20.17
CA GLU A 334 8.12 17.76 19.99
C GLU A 334 9.13 17.10 20.94
N ASN A 335 8.81 17.10 22.22
CA ASN A 335 9.63 16.45 23.24
C ASN A 335 8.82 15.43 24.02
N VAL A 336 9.51 14.39 24.48
CA VAL A 336 8.89 13.31 25.26
C VAL A 336 9.52 13.34 26.65
N ARG A 337 8.74 12.95 27.66
CA ARG A 337 9.24 12.75 28.99
C ARG A 337 9.13 11.26 29.29
N MET A 338 10.25 10.64 29.67
CA MET A 338 10.28 9.24 30.11
C MET A 338 10.45 9.28 31.62
N MET A 339 9.55 8.62 32.34
CA MET A 339 9.50 8.69 33.77
C MET A 339 9.80 7.31 34.32
N LEU A 340 10.92 7.23 35.03
CA LEU A 340 11.56 5.97 35.38
C LEU A 340 11.56 5.73 36.88
N THR A 341 11.60 4.47 37.21
CA THR A 341 11.57 3.99 38.57
C THR A 341 12.89 3.26 38.87
N ASP A 342 13.12 2.13 38.22
CA ASP A 342 14.36 1.36 38.33
C ASP A 342 14.42 0.37 37.17
N SER A 343 15.51 -0.40 37.12
CA SER A 343 15.84 -1.25 36.00
C SER A 343 14.90 -2.41 35.78
N VAL A 344 14.03 -2.69 36.75
CA VAL A 344 13.14 -3.83 36.66
C VAL A 344 11.67 -3.43 36.82
N SER A 345 11.38 -2.16 36.62
CA SER A 345 10.00 -1.67 36.77
C SER A 345 9.59 -0.94 35.50
N SER A 346 8.28 -0.80 35.33
CA SER A 346 7.75 -0.21 34.12
C SER A 346 8.17 1.26 33.97
N VAL A 347 8.09 1.75 32.75
CA VAL A 347 8.40 3.14 32.45
C VAL A 347 7.15 3.80 31.92
N GLN A 348 6.92 5.04 32.33
CA GLN A 348 5.83 5.85 31.87
C GLN A 348 6.38 6.87 30.88
N ILE A 349 5.67 7.04 29.77
CA ILE A 349 6.10 7.97 28.73
C ILE A 349 4.95 8.93 28.45
N GLU A 350 5.26 10.21 28.27
CA GLU A 350 4.26 11.24 28.02
C GLU A 350 4.86 12.28 27.07
N ASP A 351 4.01 13.02 26.39
CA ASP A 351 4.41 14.26 25.73
C ASP A 351 4.93 15.16 26.84
N ALA A 352 6.13 15.69 26.69
CA ALA A 352 6.66 16.60 27.71
C ALA A 352 5.79 17.84 27.97
N ALA A 353 4.99 18.23 26.98
CA ALA A 353 4.10 19.40 27.09
C ALA A 353 2.65 19.09 27.49
N SER A 354 2.29 17.82 27.67
CA SER A 354 0.90 17.47 28.10
C SER A 354 0.83 16.18 28.91
N GLN A 355 0.13 16.21 30.04
CA GLN A 355 -0.10 15.01 30.84
C GLN A 355 -1.40 14.26 30.48
N SER A 356 -2.02 14.71 29.40
CA SER A 356 -3.32 14.25 28.95
C SER A 356 -3.29 12.75 28.55
N ALA A 357 -2.16 12.29 28.04
CA ALA A 357 -2.02 10.87 27.69
C ALA A 357 -0.74 10.33 28.34
N ALA A 358 -0.80 9.12 28.87
CA ALA A 358 0.38 8.46 29.40
C ALA A 358 0.45 7.05 28.85
N TYR A 359 1.66 6.54 28.70
CA TYR A 359 1.92 5.20 28.16
C TYR A 359 2.80 4.46 29.10
N VAL A 360 2.51 3.17 29.26
CA VAL A 360 3.34 2.32 30.12
C VAL A 360 3.90 1.17 29.32
N VAL A 361 5.23 1.00 29.43
CA VAL A 361 5.93 -0.11 28.83
C VAL A 361 6.73 -0.87 29.90
N MET A 362 6.71 -2.21 29.85
CA MET A 362 7.48 -3.06 30.78
C MET A 362 8.93 -3.25 30.34
N PRO A 363 9.88 -3.33 31.30
CA PRO A 363 11.23 -3.59 30.88
C PRO A 363 11.33 -5.02 30.36
N MET A 364 12.35 -5.25 29.54
CA MET A 364 12.46 -6.45 28.75
C MET A 364 13.81 -7.08 29.04
N ARG A 365 13.84 -8.35 29.44
CA ARG A 365 15.12 -9.05 29.68
C ARG A 365 15.81 -9.27 28.33
N LEU A 366 17.06 -8.78 28.21
CA LEU A 366 17.79 -8.81 26.94
C LEU A 366 18.84 -9.92 26.93
N MET B 1 40.16 -1.09 3.82
CA MET B 1 39.08 -0.38 3.11
C MET B 1 38.47 0.69 3.99
N LYS B 2 38.51 1.93 3.52
CA LYS B 2 37.93 3.03 4.24
C LYS B 2 37.30 3.98 3.23
N PHE B 3 36.12 4.48 3.56
CA PHE B 3 35.52 5.58 2.81
C PHE B 3 34.58 6.37 3.71
N THR B 4 34.36 7.63 3.35
CA THR B 4 33.42 8.49 4.01
C THR B 4 32.59 9.16 2.90
N VAL B 5 31.28 8.91 2.92
N VAL B 5 31.28 9.02 2.95
CA VAL B 5 30.34 9.27 1.83
CA VAL B 5 30.45 9.55 1.88
C VAL B 5 29.00 9.83 2.38
C VAL B 5 29.16 10.13 2.49
N GLU B 6 28.53 10.93 1.80
N GLU B 6 28.50 11.00 1.76
CA GLU B 6 27.21 11.46 2.15
CA GLU B 6 27.20 11.50 2.22
C GLU B 6 26.11 10.41 2.03
C GLU B 6 26.11 10.46 2.02
N ARG B 7 25.23 10.35 3.02
CA ARG B 7 24.08 9.47 2.97
C ARG B 7 23.41 9.40 1.61
N GLU B 8 23.05 10.55 1.07
CA GLU B 8 22.28 10.57 -0.15
C GLU B 8 23.06 9.96 -1.31
N HIS B 9 24.38 10.14 -1.34
CA HIS B 9 25.18 9.55 -2.42
C HIS B 9 25.24 8.04 -2.38
N LEU B 10 24.86 7.45 -1.24
CA LEU B 10 24.83 6.02 -1.08
C LEU B 10 23.45 5.41 -1.31
N LEU B 11 22.39 6.16 -1.02
CA LEU B 11 21.04 5.60 -1.04
C LEU B 11 20.54 5.14 -2.41
N LYS B 12 20.65 5.98 -3.42
CA LYS B 12 20.22 5.54 -4.74
C LYS B 12 21.02 4.32 -5.21
N PRO B 13 22.37 4.36 -5.11
CA PRO B 13 23.11 3.13 -5.44
C PRO B 13 22.64 1.91 -4.63
N LEU B 14 22.42 2.09 -3.33
CA LEU B 14 21.99 0.96 -2.47
C LEU B 14 20.65 0.39 -2.91
N GLN B 15 19.69 1.27 -3.25
CA GLN B 15 18.40 0.86 -3.83
C GLN B 15 18.58 -0.05 -5.06
N GLN B 16 19.45 0.37 -6.00
CA GLN B 16 19.71 -0.36 -7.22
C GLN B 16 20.35 -1.71 -6.99
N VAL B 17 21.42 -1.76 -6.19
CA VAL B 17 22.18 -3.00 -6.08
C VAL B 17 21.46 -4.02 -5.22
N SER B 18 20.49 -3.58 -4.40
CA SER B 18 19.68 -4.48 -3.57
C SER B 18 18.59 -5.21 -4.34
N GLY B 19 18.20 -4.68 -5.50
CA GLY B 19 17.10 -5.24 -6.29
C GLY B 19 17.23 -6.71 -6.68
N PRO B 20 18.43 -7.14 -7.11
CA PRO B 20 18.59 -8.53 -7.51
C PRO B 20 18.39 -9.54 -6.39
N LEU B 21 18.52 -9.10 -5.13
CA LEU B 21 18.69 -10.04 -4.03
C LEU B 21 17.42 -10.84 -3.78
N GLY B 22 17.55 -12.17 -3.87
CA GLY B 22 16.43 -13.10 -3.70
C GLY B 22 16.19 -13.34 -2.22
N GLY B 23 14.95 -13.63 -1.84
CA GLY B 23 14.56 -13.66 -0.43
C GLY B 23 15.22 -14.75 0.41
N ARG B 24 15.73 -15.79 -0.24
CA ARG B 24 16.21 -16.96 0.46
C ARG B 24 17.47 -17.50 -0.19
N PRO B 25 18.59 -16.77 -0.03
CA PRO B 25 19.78 -17.13 -0.79
C PRO B 25 20.26 -18.56 -0.63
N THR B 26 20.78 -19.05 -1.75
CA THR B 26 21.44 -20.31 -1.96
C THR B 26 22.86 -20.41 -1.35
N LEU B 27 23.48 -19.25 -1.13
CA LEU B 27 24.79 -19.16 -0.48
C LEU B 27 24.69 -18.02 0.49
N PRO B 28 25.40 -18.09 1.60
CA PRO B 28 25.31 -17.01 2.56
C PRO B 28 25.67 -15.64 1.97
N ILE B 29 26.68 -15.60 1.11
CA ILE B 29 27.18 -14.30 0.58
C ILE B 29 26.18 -13.61 -0.37
N LEU B 30 25.21 -14.37 -0.89
CA LEU B 30 24.17 -13.81 -1.74
C LEU B 30 23.20 -12.88 -1.02
N GLY B 31 23.22 -12.90 0.32
CA GLY B 31 22.48 -11.93 1.10
C GLY B 31 23.29 -10.67 1.33
N ASN B 32 24.51 -10.61 0.81
CA ASN B 32 25.40 -9.48 1.03
C ASN B 32 25.61 -8.65 -0.25
N LEU B 33 26.06 -7.42 -0.06
CA LEU B 33 26.61 -6.61 -1.14
C LEU B 33 28.12 -6.63 -1.09
N LEU B 34 28.72 -6.69 -2.28
CA LEU B 34 30.16 -6.52 -2.47
C LEU B 34 30.47 -5.03 -2.51
N LEU B 35 31.39 -4.61 -1.66
CA LEU B 35 31.84 -3.20 -1.61
C LEU B 35 33.30 -3.21 -2.02
N GLN B 36 33.68 -2.35 -2.96
CA GLN B 36 35.09 -2.25 -3.39
C GLN B 36 35.49 -0.79 -3.50
N VAL B 37 36.62 -0.44 -2.90
CA VAL B 37 37.21 0.89 -3.02
C VAL B 37 38.46 0.74 -3.85
N ALA B 38 38.49 1.41 -5.00
CA ALA B 38 39.62 1.33 -5.93
C ALA B 38 39.63 2.55 -6.82
N ASP B 39 40.82 3.11 -7.08
CA ASP B 39 40.98 4.24 -7.97
C ASP B 39 39.88 5.30 -7.79
N GLY B 40 39.74 5.82 -6.57
CA GLY B 40 38.82 6.94 -6.29
C GLY B 40 37.34 6.62 -6.33
N THR B 41 36.97 5.35 -6.40
CA THR B 41 35.58 4.96 -6.65
C THR B 41 35.16 3.87 -5.70
N LEU B 42 33.97 4.01 -5.12
CA LEU B 42 33.32 2.93 -4.41
C LEU B 42 32.35 2.21 -5.36
N SER B 43 32.56 0.91 -5.55
CA SER B 43 31.64 0.10 -6.30
C SER B 43 30.85 -0.81 -5.34
N LEU B 44 29.56 -0.94 -5.62
CA LEU B 44 28.66 -1.84 -4.90
C LEU B 44 28.04 -2.78 -5.89
N THR B 45 27.91 -4.06 -5.53
CA THR B 45 27.36 -5.10 -6.38
C THR B 45 26.42 -6.01 -5.58
N GLY B 46 25.27 -6.31 -6.18
CA GLY B 46 24.31 -7.29 -5.64
C GLY B 46 23.98 -8.23 -6.78
N THR B 47 23.73 -9.50 -6.46
CA THR B 47 23.51 -10.51 -7.51
C THR B 47 22.60 -11.60 -6.98
N ASP B 48 21.97 -12.35 -7.87
CA ASP B 48 21.28 -13.60 -7.47
C ASP B 48 21.76 -14.78 -8.30
N LEU B 49 22.94 -14.62 -8.90
CA LEU B 49 23.54 -15.56 -9.84
C LEU B 49 22.91 -15.55 -11.25
N GLU B 50 21.68 -15.07 -11.41
CA GLU B 50 21.14 -14.93 -12.78
C GLU B 50 21.30 -13.52 -13.34
N MET B 51 21.32 -12.55 -12.43
CA MET B 51 21.52 -11.14 -12.80
C MET B 51 22.27 -10.40 -11.72
N GLU B 52 22.86 -9.25 -12.08
CA GLU B 52 23.74 -8.53 -11.19
C GLU B 52 23.56 -7.05 -11.44
N MET B 53 23.62 -6.25 -10.41
CA MET B 53 23.62 -4.80 -10.55
C MET B 53 24.85 -4.25 -9.84
N VAL B 54 25.56 -3.36 -10.55
CA VAL B 54 26.71 -2.70 -10.02
C VAL B 54 26.43 -1.20 -10.03
N ALA B 55 26.76 -0.52 -8.93
CA ALA B 55 26.68 0.94 -8.89
C ALA B 55 28.03 1.53 -8.47
N ARG B 56 28.41 2.64 -9.10
CA ARG B 56 29.64 3.34 -8.80
C ARG B 56 29.38 4.69 -8.12
N VAL B 57 30.19 5.00 -7.11
CA VAL B 57 30.12 6.25 -6.38
C VAL B 57 31.52 6.86 -6.37
N ALA B 58 31.64 8.09 -6.86
CA ALA B 58 32.88 8.87 -6.80
C ALA B 58 33.22 9.26 -5.34
N LEU B 59 34.48 9.07 -4.96
CA LEU B 59 34.88 9.33 -3.58
C LEU B 59 35.67 10.62 -3.55
N VAL B 60 35.07 11.68 -3.04
CA VAL B 60 35.74 12.99 -3.04
C VAL B 60 36.51 13.24 -1.75
N GLN B 61 36.18 12.51 -0.70
CA GLN B 61 36.92 12.57 0.56
C GLN B 61 37.97 11.46 0.62
N PRO B 62 38.99 11.62 1.51
CA PRO B 62 39.99 10.57 1.64
C PRO B 62 39.45 9.15 1.84
N HIS B 63 40.14 8.17 1.25
CA HIS B 63 39.66 6.80 1.21
C HIS B 63 40.87 5.89 1.17
N GLU B 64 40.60 4.60 1.34
N GLU B 64 40.65 4.60 1.47
CA GLU B 64 41.63 3.58 1.40
CA GLU B 64 41.70 3.57 1.43
C GLU B 64 41.12 2.35 0.68
C GLU B 64 41.15 2.36 0.69
N PRO B 65 41.94 1.78 -0.22
CA PRO B 65 41.43 0.68 -1.03
C PRO B 65 41.20 -0.62 -0.28
N GLY B 66 40.34 -1.44 -0.86
CA GLY B 66 40.05 -2.76 -0.32
C GLY B 66 38.65 -3.15 -0.63
N ALA B 67 38.30 -4.38 -0.26
CA ALA B 67 37.00 -4.93 -0.58
C ALA B 67 36.50 -5.87 0.50
N THR B 68 35.19 -5.87 0.68
CA THR B 68 34.50 -6.78 1.58
C THR B 68 33.04 -6.94 1.15
N THR B 69 32.30 -7.77 1.89
CA THR B 69 30.87 -7.93 1.69
C THR B 69 30.15 -7.80 3.03
N VAL B 70 28.97 -7.16 2.99
CA VAL B 70 28.15 -6.90 4.15
C VAL B 70 26.72 -7.19 3.90
N PRO B 71 25.99 -7.53 4.96
CA PRO B 71 24.59 -7.85 4.79
C PRO B 71 23.84 -6.68 4.19
N ALA B 72 23.10 -6.96 3.12
CA ALA B 72 22.56 -5.91 2.28
C ALA B 72 21.45 -5.16 2.98
N ARG B 73 20.53 -5.92 3.59
CA ARG B 73 19.31 -5.33 4.18
C ARG B 73 19.69 -4.44 5.36
N LYS B 74 20.58 -4.93 6.23
CA LYS B 74 21.03 -4.17 7.40
C LYS B 74 21.82 -2.92 7.01
N PHE B 75 22.75 -3.05 6.09
CA PHE B 75 23.54 -1.88 5.67
C PHE B 75 22.64 -0.83 5.02
N PHE B 76 21.72 -1.26 4.14
CA PHE B 76 20.77 -0.31 3.58
C PHE B 76 19.90 0.37 4.63
N ASP B 77 19.32 -0.43 5.53
CA ASP B 77 18.46 0.14 6.56
C ASP B 77 19.20 1.15 7.43
N ILE B 78 20.47 0.85 7.79
CA ILE B 78 21.26 1.78 8.57
C ILE B 78 21.48 3.12 7.84
N CYS B 79 21.84 3.04 6.56
CA CYS B 79 22.11 4.23 5.77
C CYS B 79 20.83 5.03 5.59
N ARG B 80 19.75 4.34 5.28
CA ARG B 80 18.43 5.00 5.10
C ARG B 80 17.93 5.63 6.41
N GLY B 81 18.29 5.02 7.54
CA GLY B 81 17.79 5.42 8.85
C GLY B 81 18.58 6.55 9.47
N LEU B 82 19.77 6.81 8.94
CA LEU B 82 20.58 7.94 9.35
C LEU B 82 19.96 9.25 8.85
N PRO B 83 20.32 10.39 9.47
CA PRO B 83 19.60 11.59 9.11
C PRO B 83 20.05 12.19 7.78
N GLU B 84 19.13 12.94 7.18
CA GLU B 84 19.33 13.67 5.95
C GLU B 84 20.64 14.43 5.99
N GLY B 85 21.47 14.21 4.98
CA GLY B 85 22.78 14.85 4.84
C GLY B 85 23.89 14.32 5.73
N ALA B 86 23.64 13.23 6.47
CA ALA B 86 24.67 12.68 7.31
C ALA B 86 25.85 12.22 6.46
N GLU B 87 27.06 12.37 7.03
CA GLU B 87 28.28 11.80 6.47
C GLU B 87 28.39 10.42 7.07
N ILE B 88 28.71 9.43 6.24
CA ILE B 88 28.73 8.05 6.66
C ILE B 88 30.16 7.56 6.46
N ALA B 89 30.81 7.19 7.57
CA ALA B 89 32.20 6.73 7.55
C ALA B 89 32.24 5.24 7.78
N VAL B 90 32.93 4.54 6.88
CA VAL B 90 32.95 3.09 6.86
C VAL B 90 34.41 2.65 6.89
N GLN B 91 34.72 1.68 7.73
CA GLN B 91 36.03 1.07 7.67
C GLN B 91 35.98 -0.40 8.09
N LEU B 92 36.90 -1.14 7.54
CA LEU B 92 36.94 -2.59 7.67
C LEU B 92 37.86 -2.87 8.84
N GLU B 93 37.35 -3.60 9.85
CA GLU B 93 38.09 -3.94 11.08
C GLU B 93 37.93 -5.42 11.43
N GLY B 94 38.92 -6.22 11.09
CA GLY B 94 38.82 -7.67 11.25
C GLY B 94 37.80 -8.18 10.24
N GLU B 95 36.89 -9.05 10.69
CA GLU B 95 35.71 -9.43 9.91
C GLU B 95 34.46 -8.68 10.34
N ARG B 96 34.63 -7.45 10.81
CA ARG B 96 33.50 -6.56 11.02
C ARG B 96 33.74 -5.35 10.14
N MET B 97 32.63 -4.77 9.68
CA MET B 97 32.70 -3.48 9.04
C MET B 97 32.08 -2.50 9.98
N LEU B 98 32.82 -1.45 10.30
CA LEU B 98 32.31 -0.41 11.16
C LEU B 98 31.70 0.72 10.34
N VAL B 99 30.53 1.19 10.79
CA VAL B 99 29.83 2.29 10.17
C VAL B 99 29.60 3.32 11.25
N ARG B 100 30.01 4.57 11.01
CA ARG B 100 29.74 5.65 11.94
C ARG B 100 29.30 6.91 11.29
N SER B 101 28.40 7.57 11.99
CA SER B 101 27.87 8.83 11.54
C SER B 101 27.39 9.52 12.79
N GLY B 102 27.85 10.75 13.00
CA GLY B 102 27.56 11.51 14.20
C GLY B 102 27.93 10.66 15.39
N ARG B 103 26.97 10.45 16.26
CA ARG B 103 27.17 9.63 17.46
C ARG B 103 26.44 8.27 17.35
N SER B 104 26.25 7.82 16.11
CA SER B 104 25.68 6.51 15.83
C SER B 104 26.84 5.61 15.36
N ARG B 105 26.96 4.39 15.89
CA ARG B 105 28.01 3.45 15.48
C ARG B 105 27.44 2.06 15.29
N PHE B 106 27.86 1.36 14.24
CA PHE B 106 27.37 0.03 13.92
C PHE B 106 28.51 -0.90 13.51
N SER B 107 28.41 -2.17 13.90
CA SER B 107 29.43 -3.15 13.56
C SER B 107 28.68 -4.27 12.89
N LEU B 108 28.99 -4.50 11.63
CA LEU B 108 28.34 -5.53 10.81
C LEU B 108 29.30 -6.69 10.54
N SER B 109 28.75 -7.89 10.40
CA SER B 109 29.52 -9.06 10.09
C SER B 109 29.86 -9.00 8.60
N THR B 110 31.02 -9.47 8.21
CA THR B 110 31.36 -9.53 6.80
C THR B 110 31.56 -10.95 6.32
N LEU B 111 31.52 -11.12 5.00
CA LEU B 111 32.04 -12.32 4.33
C LEU B 111 33.11 -11.88 3.33
N PRO B 112 34.12 -12.74 3.10
CA PRO B 112 35.23 -12.37 2.22
C PRO B 112 34.76 -12.01 0.81
N ALA B 113 35.27 -10.89 0.29
CA ALA B 113 35.00 -10.53 -1.08
C ALA B 113 35.45 -11.59 -2.10
N ALA B 114 36.47 -12.41 -1.77
CA ALA B 114 36.93 -13.50 -2.64
C ALA B 114 35.88 -14.57 -2.95
N ASP B 115 34.92 -14.71 -2.06
CA ASP B 115 33.82 -15.63 -2.22
C ASP B 115 32.64 -15.03 -2.96
N PHE B 116 32.69 -13.75 -3.36
CA PHE B 116 31.54 -13.14 -4.01
C PHE B 116 31.47 -13.62 -5.46
N PRO B 117 30.32 -14.15 -5.87
CA PRO B 117 30.35 -14.79 -7.18
C PRO B 117 30.24 -13.83 -8.35
N ASN B 118 30.75 -14.25 -9.50
CA ASN B 118 30.60 -13.49 -10.75
C ASN B 118 29.79 -14.27 -11.74
N LEU B 119 29.14 -13.53 -12.63
CA LEU B 119 28.47 -14.11 -13.77
C LEU B 119 29.53 -14.56 -14.77
N ASP B 120 29.18 -15.51 -15.63
CA ASP B 120 30.12 -16.03 -16.61
C ASP B 120 30.47 -14.92 -17.59
N ASP B 121 31.72 -14.93 -18.08
CA ASP B 121 32.17 -13.96 -19.04
C ASP B 121 31.49 -14.18 -20.38
N TRP B 122 31.33 -13.12 -21.16
CA TRP B 122 30.67 -13.23 -22.44
C TRP B 122 31.03 -12.09 -23.37
N GLN B 123 30.76 -12.27 -24.65
CA GLN B 123 31.02 -11.27 -25.68
C GLN B 123 29.74 -10.58 -26.18
N SER B 124 29.84 -9.27 -26.35
CA SER B 124 28.76 -8.48 -26.86
C SER B 124 28.71 -8.69 -28.37
N GLU B 125 27.52 -8.93 -28.90
CA GLU B 125 27.30 -9.09 -30.33
C GLU B 125 26.44 -7.98 -30.97
N VAL B 126 25.61 -7.34 -30.16
CA VAL B 126 24.67 -6.33 -30.64
C VAL B 126 24.73 -5.21 -29.64
N GLU B 127 24.96 -3.98 -30.09
CA GLU B 127 25.01 -2.84 -29.20
C GLU B 127 24.28 -1.62 -29.76
N PHE B 128 23.64 -0.89 -28.87
CA PHE B 128 23.02 0.37 -29.25
C PHE B 128 22.85 1.25 -28.05
N THR B 129 22.70 2.54 -28.32
CA THR B 129 22.45 3.55 -27.31
C THR B 129 21.10 4.16 -27.64
N LEU B 130 20.35 4.50 -26.61
CA LEU B 130 19.04 5.15 -26.76
C LEU B 130 18.72 6.00 -25.51
N PRO B 131 17.83 7.00 -25.68
CA PRO B 131 17.36 7.74 -24.55
C PRO B 131 16.74 6.82 -23.55
N GLN B 132 17.01 7.06 -22.27
CA GLN B 132 16.40 6.18 -21.29
C GLN B 132 14.87 6.32 -21.28
N ALA B 133 14.34 7.51 -21.60
CA ALA B 133 12.87 7.62 -21.71
C ALA B 133 12.29 6.66 -22.75
N THR B 134 13.04 6.34 -23.79
CA THR B 134 12.55 5.47 -24.86
C THR B 134 12.42 4.06 -24.30
N MET B 135 13.43 3.63 -23.57
CA MET B 135 13.37 2.32 -22.90
C MET B 135 12.27 2.22 -21.86
N LYS B 136 12.11 3.28 -21.07
CA LYS B 136 11.05 3.30 -20.08
C LYS B 136 9.70 3.15 -20.74
N ARG B 137 9.49 3.86 -21.84
CA ARG B 137 8.22 3.80 -22.53
C ARG B 137 7.96 2.39 -23.04
N LEU B 138 8.94 1.83 -23.73
CA LEU B 138 8.85 0.45 -24.24
C LEU B 138 8.46 -0.60 -23.18
N ILE B 139 9.06 -0.51 -21.98
CA ILE B 139 8.80 -1.51 -20.97
C ILE B 139 7.47 -1.29 -20.28
N GLU B 140 7.21 -0.04 -19.91
CA GLU B 140 5.96 0.31 -19.26
C GLU B 140 4.75 0.04 -20.13
N ALA B 141 4.92 0.15 -21.43
CA ALA B 141 3.82 -0.11 -22.34
C ALA B 141 3.39 -1.57 -22.36
N THR B 142 4.29 -2.48 -22.00
CA THR B 142 4.07 -3.91 -22.23
C THR B 142 4.20 -4.82 -21.02
N GLN B 143 4.92 -4.39 -19.98
CA GLN B 143 5.31 -5.22 -18.87
C GLN B 143 4.16 -5.98 -18.21
N PHE B 144 2.99 -5.34 -18.15
CA PHE B 144 1.82 -5.90 -17.47
C PHE B 144 1.32 -7.18 -18.17
N SER B 145 1.69 -7.35 -19.43
CA SER B 145 1.25 -8.55 -20.18
C SER B 145 2.22 -9.72 -20.15
N MET B 146 3.31 -9.64 -19.42
CA MET B 146 4.20 -10.80 -19.30
C MET B 146 3.52 -11.86 -18.44
N ALA B 147 3.83 -13.12 -18.71
CA ALA B 147 3.40 -14.18 -17.80
C ALA B 147 4.17 -14.14 -16.48
N HIS B 148 3.58 -14.78 -15.46
CA HIS B 148 4.12 -14.89 -14.10
C HIS B 148 4.24 -16.40 -13.81
N GLN B 149 5.44 -16.93 -13.73
CA GLN B 149 5.69 -18.32 -13.35
C GLN B 149 4.94 -19.38 -14.18
N ASP B 150 4.74 -19.10 -15.46
CA ASP B 150 4.17 -20.10 -16.38
C ASP B 150 5.20 -21.20 -16.64
N VAL B 151 4.77 -22.48 -16.71
CA VAL B 151 5.71 -23.55 -17.13
C VAL B 151 6.24 -23.30 -18.53
N ARG B 152 5.49 -22.52 -19.33
CA ARG B 152 5.94 -22.01 -20.60
C ARG B 152 6.90 -20.84 -20.29
N TYR B 153 8.12 -21.23 -19.97
CA TYR B 153 9.07 -20.35 -19.33
C TYR B 153 9.44 -19.16 -20.23
N TYR B 154 9.32 -19.34 -21.54
CA TYR B 154 9.67 -18.33 -22.52
C TYR B 154 8.69 -17.15 -22.49
N LEU B 155 7.55 -17.33 -21.84
CA LEU B 155 6.55 -16.24 -21.63
C LEU B 155 6.80 -15.41 -20.38
N ASN B 156 7.69 -15.87 -19.48
CA ASN B 156 7.92 -15.22 -18.21
C ASN B 156 9.03 -14.19 -18.36
N GLY B 157 8.74 -13.20 -19.20
CA GLY B 157 9.77 -12.31 -19.67
C GLY B 157 9.24 -11.52 -20.84
N MET B 158 10.12 -10.77 -21.47
CA MET B 158 9.74 -9.82 -22.51
C MET B 158 10.69 -9.98 -23.68
N LEU B 159 10.13 -10.05 -24.88
CA LEU B 159 10.94 -10.08 -26.06
C LEU B 159 11.43 -8.65 -26.36
N PHE B 160 12.71 -8.52 -26.71
CA PHE B 160 13.33 -7.29 -27.19
C PHE B 160 13.81 -7.62 -28.57
N GLU B 161 13.27 -6.91 -29.55
CA GLU B 161 13.50 -7.16 -30.93
C GLU B 161 14.05 -5.90 -31.61
N THR B 162 15.17 -6.08 -32.33
CA THR B 162 15.81 -4.99 -33.08
C THR B 162 15.54 -5.26 -34.56
N GLU B 163 15.23 -4.19 -35.28
CA GLU B 163 14.97 -4.25 -36.74
C GLU B 163 15.11 -2.88 -37.34
N GLY B 164 15.98 -2.73 -38.32
CA GLY B 164 16.17 -1.43 -38.95
C GLY B 164 16.74 -0.47 -37.94
N GLU B 165 16.04 0.62 -37.66
CA GLU B 165 16.40 1.56 -36.60
C GLU B 165 15.42 1.54 -35.43
N GLU B 166 14.69 0.45 -35.26
CA GLU B 166 13.62 0.41 -34.27
CA GLU B 166 13.59 0.38 -34.28
C GLU B 166 13.89 -0.68 -33.23
N LEU B 167 13.48 -0.39 -32.01
CA LEU B 167 13.55 -1.36 -30.93
C LEU B 167 12.09 -1.62 -30.56
N ARG B 168 11.78 -2.89 -30.36
CA ARG B 168 10.42 -3.30 -30.08
C ARG B 168 10.42 -4.25 -28.89
N THR B 169 9.41 -4.08 -28.05
CA THR B 169 9.15 -5.00 -26.95
C THR B 169 7.83 -5.69 -27.18
N VAL B 170 7.76 -6.93 -26.77
CA VAL B 170 6.51 -7.71 -26.85
C VAL B 170 6.39 -8.50 -25.58
N ALA B 171 5.16 -8.57 -25.07
CA ALA B 171 4.87 -9.37 -23.91
C ALA B 171 3.52 -10.05 -24.11
N THR B 172 3.44 -11.32 -23.70
CA THR B 172 2.15 -12.02 -23.69
C THR B 172 2.17 -13.09 -22.60
N ASP B 173 0.99 -13.36 -22.06
CA ASP B 173 0.85 -14.39 -21.04
C ASP B 173 0.15 -15.60 -21.63
N GLY B 174 0.00 -15.60 -22.94
CA GLY B 174 -0.70 -16.64 -23.67
C GLY B 174 -2.20 -16.40 -23.77
N HIS B 175 -2.66 -15.22 -23.37
CA HIS B 175 -4.06 -14.84 -23.45
C HIS B 175 -4.26 -13.47 -24.11
N ARG B 176 -3.45 -12.52 -23.72
CA ARG B 176 -3.46 -11.21 -24.31
C ARG B 176 -2.03 -10.76 -24.62
N LEU B 177 -1.91 -9.74 -25.45
CA LEU B 177 -0.61 -9.36 -25.99
C LEU B 177 -0.46 -7.85 -25.99
N ALA B 178 0.77 -7.42 -25.71
CA ALA B 178 1.18 -6.03 -25.74
C ALA B 178 2.46 -5.93 -26.61
N VAL B 179 2.51 -4.94 -27.49
CA VAL B 179 3.70 -4.68 -28.28
C VAL B 179 3.92 -3.17 -28.31
N CYS B 180 5.17 -2.75 -28.24
CA CYS B 180 5.48 -1.31 -28.40
C CYS B 180 6.75 -1.22 -29.21
N SER B 181 6.81 -0.26 -30.16
CA SER B 181 7.90 -0.12 -31.10
C SER B 181 8.27 1.35 -31.17
N MET B 182 9.56 1.65 -31.09
CA MET B 182 10.07 3.03 -31.06
CA MET B 182 10.01 3.04 -31.17
C MET B 182 11.31 3.14 -31.93
N PRO B 183 11.42 4.22 -32.72
CA PRO B 183 12.67 4.38 -33.46
C PRO B 183 13.75 4.86 -32.50
N ILE B 184 14.99 4.48 -32.77
CA ILE B 184 16.08 4.89 -31.89
C ILE B 184 17.28 5.55 -32.58
N GLY B 185 17.16 5.88 -33.85
CA GLY B 185 18.21 6.65 -34.54
C GLY B 185 19.56 5.97 -34.66
N GLN B 186 19.56 4.65 -34.83
CA GLN B 186 20.79 3.85 -35.09
C GLN B 186 20.40 2.58 -35.84
N SER B 187 21.19 2.22 -36.85
CA SER B 187 20.95 1.05 -37.65
C SER B 187 21.29 -0.19 -36.89
N LEU B 188 20.39 -1.16 -36.89
CA LEU B 188 20.53 -2.32 -36.04
C LEU B 188 20.44 -3.57 -36.86
N PRO B 189 21.12 -4.63 -36.43
CA PRO B 189 20.82 -5.92 -37.02
C PRO B 189 19.41 -6.42 -36.65
N SER B 190 18.88 -7.32 -37.46
CA SER B 190 17.62 -7.98 -37.14
CA SER B 190 17.62 -7.99 -37.14
C SER B 190 17.87 -9.09 -36.12
N HIS B 191 17.34 -8.91 -34.90
CA HIS B 191 17.65 -9.81 -33.80
C HIS B 191 16.56 -9.75 -32.75
N SER B 192 16.46 -10.79 -31.94
CA SER B 192 15.54 -10.76 -30.81
C SER B 192 16.02 -11.67 -29.69
N VAL B 193 15.71 -11.27 -28.46
CA VAL B 193 16.08 -12.03 -27.28
C VAL B 193 14.95 -11.87 -26.27
N ILE B 194 14.93 -12.75 -25.27
CA ILE B 194 13.90 -12.75 -24.25
C ILE B 194 14.57 -12.41 -22.95
N VAL B 195 14.13 -11.36 -22.30
CA VAL B 195 14.73 -10.98 -21.00
C VAL B 195 13.80 -11.49 -19.90
N PRO B 196 14.37 -12.21 -18.90
CA PRO B 196 13.49 -12.76 -17.85
C PRO B 196 12.72 -11.68 -17.11
N ARG B 197 11.51 -11.97 -16.67
CA ARG B 197 10.70 -10.89 -16.07
C ARG B 197 11.35 -10.13 -14.91
N LYS B 198 12.09 -10.83 -14.04
CA LYS B 198 12.77 -10.15 -12.96
C LYS B 198 13.78 -9.13 -13.49
N GLY B 199 14.50 -9.51 -14.52
CA GLY B 199 15.46 -8.62 -15.19
C GLY B 199 14.80 -7.41 -15.83
N VAL B 200 13.62 -7.63 -16.40
CA VAL B 200 12.86 -6.54 -17.02
C VAL B 200 12.53 -5.49 -15.95
N ILE B 201 12.05 -5.94 -14.81
CA ILE B 201 11.69 -4.99 -13.77
C ILE B 201 12.93 -4.26 -13.22
N GLU B 202 14.03 -5.00 -13.06
CA GLU B 202 15.29 -4.37 -12.63
C GLU B 202 15.71 -3.29 -13.65
N LEU B 203 15.73 -3.66 -14.92
CA LEU B 203 16.05 -2.72 -15.99
C LEU B 203 15.15 -1.47 -15.91
N MET B 204 13.85 -1.69 -15.80
CA MET B 204 12.90 -0.55 -15.77
C MET B 204 13.24 0.39 -14.62
N ARG B 205 13.52 -0.20 -13.46
CA ARG B 205 13.73 0.59 -12.25
C ARG B 205 15.14 1.23 -12.13
N MET B 206 16.10 0.78 -12.94
CA MET B 206 17.40 1.43 -13.00
CA MET B 206 17.42 1.40 -13.07
C MET B 206 17.36 2.74 -13.79
N LEU B 207 16.27 2.99 -14.51
CA LEU B 207 16.12 4.16 -15.34
C LEU B 207 15.52 5.28 -14.49
N ASP B 208 16.33 6.27 -14.15
CA ASP B 208 15.97 7.19 -13.08
C ASP B 208 15.10 8.34 -13.53
N GLY B 209 14.77 8.43 -14.82
CA GLY B 209 14.04 9.58 -15.35
C GLY B 209 14.89 10.74 -15.85
N GLY B 210 16.21 10.70 -15.60
CA GLY B 210 17.13 11.80 -16.01
C GLY B 210 17.64 11.75 -17.45
N ASP B 211 18.71 12.50 -17.74
CA ASP B 211 19.23 12.69 -19.11
C ASP B 211 20.39 11.78 -19.52
N ASN B 212 20.78 10.87 -18.65
CA ASN B 212 21.84 9.91 -18.97
C ASN B 212 21.29 8.93 -20.02
N PRO B 213 22.00 8.76 -21.13
CA PRO B 213 21.53 7.77 -22.11
C PRO B 213 21.85 6.37 -21.68
N LEU B 214 21.12 5.42 -22.25
CA LEU B 214 21.23 4.02 -21.89
C LEU B 214 21.99 3.32 -23.00
N ARG B 215 23.03 2.56 -22.65
N ARG B 215 23.03 2.55 -22.63
CA ARG B 215 23.75 1.73 -23.61
CA ARG B 215 23.71 1.72 -23.59
C ARG B 215 23.41 0.26 -23.35
C ARG B 215 23.34 0.26 -23.33
N VAL B 216 22.92 -0.43 -24.38
CA VAL B 216 22.57 -1.84 -24.30
C VAL B 216 23.56 -2.67 -25.10
N GLN B 217 24.02 -3.75 -24.49
CA GLN B 217 24.88 -4.73 -25.14
C GLN B 217 24.23 -6.09 -24.98
N ILE B 218 24.03 -6.79 -26.10
CA ILE B 218 23.37 -8.09 -26.13
C ILE B 218 24.37 -9.13 -26.66
N GLY B 219 24.51 -10.21 -25.91
CA GLY B 219 25.34 -11.37 -26.25
C GLY B 219 24.42 -12.52 -26.55
N SER B 220 24.97 -13.70 -26.78
CA SER B 220 24.16 -14.88 -27.13
CA SER B 220 24.13 -14.86 -27.14
C SER B 220 23.25 -15.28 -25.97
N ASN B 221 23.74 -15.09 -24.74
CA ASN B 221 23.00 -15.58 -23.58
C ASN B 221 22.82 -14.55 -22.47
N ASN B 222 23.17 -13.29 -22.75
CA ASN B 222 23.23 -12.27 -21.73
C ASN B 222 22.89 -10.93 -22.32
N ILE B 223 22.41 -10.06 -21.45
CA ILE B 223 22.21 -8.68 -21.79
C ILE B 223 22.78 -7.79 -20.71
N ARG B 224 23.30 -6.63 -21.11
CA ARG B 224 23.82 -5.64 -20.20
C ARG B 224 23.26 -4.27 -20.56
N ALA B 225 22.93 -3.52 -19.53
CA ALA B 225 22.42 -2.16 -19.67
C ALA B 225 23.23 -1.27 -18.75
N HIS B 226 23.81 -0.22 -19.32
CA HIS B 226 24.64 0.75 -18.61
C HIS B 226 24.03 2.14 -18.73
N VAL B 227 23.73 2.79 -17.62
CA VAL B 227 23.24 4.18 -17.63
C VAL B 227 23.87 4.85 -16.42
N GLY B 228 24.57 5.96 -16.68
CA GLY B 228 25.21 6.72 -15.63
C GLY B 228 26.18 5.86 -14.84
N ASP B 229 25.95 5.82 -13.53
CA ASP B 229 26.82 5.07 -12.62
C ASP B 229 26.35 3.64 -12.39
N PHE B 230 25.38 3.15 -13.16
CA PHE B 230 24.70 1.88 -12.90
C PHE B 230 24.93 0.92 -14.07
N ILE B 231 25.24 -0.35 -13.75
CA ILE B 231 25.43 -1.37 -14.80
C ILE B 231 24.70 -2.63 -14.38
N PHE B 232 23.74 -3.02 -15.20
CA PHE B 232 22.91 -4.18 -14.95
C PHE B 232 23.24 -5.28 -15.94
N THR B 233 23.41 -6.50 -15.46
CA THR B 233 23.65 -7.60 -16.37
C THR B 233 22.70 -8.72 -16.03
N SER B 234 22.08 -9.32 -17.03
CA SER B 234 21.18 -10.50 -16.82
C SER B 234 21.41 -11.61 -17.81
N LYS B 235 21.23 -12.86 -17.38
CA LYS B 235 21.08 -13.94 -18.38
C LYS B 235 19.81 -13.68 -19.20
N LEU B 236 19.79 -14.22 -20.41
CA LEU B 236 18.60 -14.23 -21.24
C LEU B 236 17.81 -15.52 -21.03
N VAL B 237 16.55 -15.52 -21.45
CA VAL B 237 15.74 -16.73 -21.46
C VAL B 237 16.00 -17.48 -22.77
N ASP B 238 16.52 -18.69 -22.63
CA ASP B 238 16.88 -19.49 -23.79
C ASP B 238 15.64 -20.26 -24.25
N GLY B 239 14.75 -19.57 -24.94
CA GLY B 239 13.57 -20.19 -25.52
C GLY B 239 13.16 -19.51 -26.80
N ARG B 240 12.11 -20.03 -27.43
CA ARG B 240 11.58 -19.41 -28.61
C ARG B 240 10.29 -18.65 -28.22
N PHE B 241 10.19 -17.40 -28.61
CA PHE B 241 9.02 -16.60 -28.29
C PHE B 241 7.96 -16.73 -29.41
N PRO B 242 6.65 -16.66 -29.07
CA PRO B 242 5.66 -16.63 -30.20
C PRO B 242 5.84 -15.46 -31.18
N ASP B 243 5.33 -15.57 -32.42
CA ASP B 243 5.37 -14.42 -33.34
C ASP B 243 4.18 -13.49 -33.12
N TYR B 244 4.44 -12.24 -32.70
CA TYR B 244 3.34 -11.29 -32.44
C TYR B 244 2.57 -10.97 -33.73
N ARG B 245 3.26 -11.09 -34.86
CA ARG B 245 2.67 -10.81 -36.14
C ARG B 245 1.45 -11.67 -36.39
N ARG B 246 1.49 -12.92 -35.95
CA ARG B 246 0.40 -13.86 -36.26
C ARG B 246 -0.85 -13.62 -35.42
N VAL B 247 -0.74 -12.82 -34.36
CA VAL B 247 -1.91 -12.60 -33.50
C VAL B 247 -2.61 -11.26 -33.80
N LEU B 248 -1.92 -10.33 -34.41
CA LEU B 248 -2.53 -9.07 -34.84
C LEU B 248 -3.65 -9.35 -35.85
N PRO B 249 -4.86 -8.80 -35.64
CA PRO B 249 -5.92 -9.05 -36.63
C PRO B 249 -5.58 -8.49 -38.00
N LYS B 250 -6.02 -9.18 -39.05
CA LYS B 250 -5.80 -8.72 -40.43
C LYS B 250 -6.83 -7.65 -40.87
N ASN B 251 -6.35 -6.48 -41.28
CA ASN B 251 -7.19 -5.43 -41.87
C ASN B 251 -8.48 -5.13 -41.10
N PRO B 252 -8.37 -4.93 -39.77
CA PRO B 252 -9.57 -4.53 -39.03
C PRO B 252 -10.12 -3.21 -39.61
N ASP B 253 -11.36 -3.21 -40.04
CA ASP B 253 -11.88 -2.07 -40.79
C ASP B 253 -12.96 -1.28 -40.05
N LYS B 254 -13.23 -1.64 -38.81
CA LYS B 254 -14.25 -0.96 -38.06
C LYS B 254 -13.61 -0.32 -36.83
N HIS B 255 -13.23 0.95 -36.94
CA HIS B 255 -12.52 1.64 -35.86
C HIS B 255 -13.47 2.43 -34.97
N LEU B 256 -13.44 2.12 -33.69
CA LEU B 256 -14.20 2.89 -32.73
C LEU B 256 -13.23 3.76 -31.96
N GLU B 257 -13.57 5.03 -31.82
CA GLU B 257 -12.73 5.95 -31.04
C GLU B 257 -13.55 6.58 -29.93
N ALA B 258 -12.96 6.68 -28.74
CA ALA B 258 -13.67 7.18 -27.58
C ALA B 258 -12.68 7.80 -26.64
N GLY B 259 -13.15 8.70 -25.79
CA GLY B 259 -12.30 9.20 -24.73
C GLY B 259 -11.91 8.08 -23.80
N CYS B 260 -10.64 8.04 -23.46
CA CYS B 260 -10.10 6.93 -22.69
C CYS B 260 -10.71 6.82 -21.30
N ASP B 261 -10.76 7.95 -20.60
CA ASP B 261 -11.26 7.91 -19.22
C ASP B 261 -12.75 7.59 -19.16
N LEU B 262 -13.54 8.16 -20.07
CA LEU B 262 -14.97 7.83 -20.19
C LEU B 262 -15.20 6.35 -20.51
N LEU B 263 -14.41 5.80 -21.41
CA LEU B 263 -14.54 4.39 -21.75
C LEU B 263 -14.11 3.52 -20.57
N LYS B 264 -12.98 3.88 -19.94
CA LYS B 264 -12.47 3.15 -18.78
C LYS B 264 -13.50 3.11 -17.64
N GLN B 265 -14.07 4.27 -17.30
CA GLN B 265 -15.06 4.32 -16.22
C GLN B 265 -16.35 3.50 -16.48
N ALA B 266 -16.81 3.47 -17.73
CA ALA B 266 -17.96 2.69 -18.14
C ALA B 266 -17.65 1.21 -18.01
N PHE B 267 -16.48 0.79 -18.51
CA PHE B 267 -16.08 -0.61 -18.32
C PHE B 267 -15.89 -0.95 -16.84
N ALA B 268 -15.35 -0.03 -16.07
CA ALA B 268 -15.09 -0.29 -14.64
C ALA B 268 -16.41 -0.48 -13.86
N ARG B 269 -17.42 0.30 -14.18
CA ARG B 269 -18.77 0.11 -13.60
C ARG B 269 -19.42 -1.16 -14.09
N ALA B 270 -19.39 -1.41 -15.40
CA ALA B 270 -19.99 -2.64 -15.92
C ALA B 270 -19.34 -3.87 -15.32
N ALA B 271 -18.02 -3.83 -15.13
CA ALA B 271 -17.26 -4.94 -14.57
C ALA B 271 -17.75 -5.41 -13.20
N ILE B 272 -18.32 -4.50 -12.42
CA ILE B 272 -18.84 -4.85 -11.09
C ILE B 272 -19.84 -6.02 -11.15
N LEU B 273 -20.65 -6.11 -12.20
CA LEU B 273 -21.67 -7.12 -12.34
C LEU B 273 -21.32 -8.15 -13.42
N SER B 274 -20.02 -8.25 -13.74
CA SER B 274 -19.50 -9.31 -14.57
C SER B 274 -19.14 -10.54 -13.72
N ASN B 275 -19.04 -11.68 -14.39
CA ASN B 275 -18.59 -12.93 -13.79
C ASN B 275 -17.21 -12.76 -13.18
N GLU B 276 -17.06 -13.11 -11.91
CA GLU B 276 -15.81 -12.86 -11.18
C GLU B 276 -14.64 -13.67 -11.74
N LYS B 277 -14.90 -14.81 -12.32
CA LYS B 277 -13.80 -15.64 -12.84
C LYS B 277 -13.47 -15.29 -14.28
N PHE B 278 -14.48 -15.20 -15.13
CA PHE B 278 -14.26 -15.04 -16.58
C PHE B 278 -14.44 -13.63 -17.14
N ARG B 279 -15.09 -12.77 -16.39
CA ARG B 279 -15.07 -11.29 -16.59
C ARG B 279 -15.52 -10.81 -17.95
N GLY B 280 -16.42 -11.57 -18.56
CA GLY B 280 -16.92 -11.23 -19.88
C GLY B 280 -17.92 -10.10 -19.89
N VAL B 281 -17.72 -9.18 -20.82
CA VAL B 281 -18.64 -8.07 -21.08
C VAL B 281 -18.90 -8.01 -22.58
N ARG B 282 -20.08 -7.55 -22.97
CA ARG B 282 -20.49 -7.47 -24.38
C ARG B 282 -20.54 -6.02 -24.85
N LEU B 283 -20.05 -5.77 -26.06
CA LEU B 283 -20.13 -4.48 -26.74
C LEU B 283 -21.14 -4.60 -27.86
N TYR B 284 -22.05 -3.64 -27.92
CA TYR B 284 -22.91 -3.44 -29.08
C TYR B 284 -22.53 -2.13 -29.69
N VAL B 285 -22.02 -2.17 -30.92
N VAL B 285 -21.95 -2.15 -30.89
CA VAL B 285 -21.50 -1.00 -31.59
CA VAL B 285 -21.50 -0.94 -31.56
C VAL B 285 -22.49 -0.53 -32.68
C VAL B 285 -22.47 -0.52 -32.68
N SER B 286 -22.77 0.77 -32.72
CA SER B 286 -23.66 1.36 -33.71
C SER B 286 -23.21 2.78 -33.98
N GLU B 287 -23.90 3.45 -34.89
CA GLU B 287 -23.46 4.76 -35.34
C GLU B 287 -23.21 5.74 -34.19
N ASN B 288 -21.95 6.11 -34.04
CA ASN B 288 -21.49 6.96 -32.96
C ASN B 288 -22.00 6.58 -31.55
N GLN B 289 -22.25 5.29 -31.34
CA GLN B 289 -22.75 4.83 -30.07
C GLN B 289 -22.18 3.47 -29.66
N LEU B 290 -21.95 3.33 -28.37
CA LEU B 290 -21.47 2.04 -27.81
C LEU B 290 -22.32 1.69 -26.64
N LYS B 291 -22.80 0.45 -26.62
CA LYS B 291 -23.47 -0.10 -25.45
C LYS B 291 -22.65 -1.24 -24.91
N ILE B 292 -22.37 -1.21 -23.61
CA ILE B 292 -21.65 -2.25 -22.95
C ILE B 292 -22.60 -2.90 -21.95
N THR B 293 -22.68 -4.23 -21.95
CA THR B 293 -23.45 -4.94 -20.93
C THR B 293 -22.62 -5.97 -20.20
N ALA B 294 -22.99 -6.26 -18.96
CA ALA B 294 -22.39 -7.33 -18.20
C ALA B 294 -23.45 -8.01 -17.38
N ASN B 295 -23.28 -9.30 -17.15
CA ASN B 295 -24.10 -9.99 -16.18
C ASN B 295 -23.34 -11.12 -15.56
N ASN B 296 -23.85 -11.58 -14.42
CA ASN B 296 -23.16 -12.54 -13.61
C ASN B 296 -24.09 -13.70 -13.27
N PRO B 297 -23.58 -14.68 -12.54
CA PRO B 297 -24.44 -15.87 -12.34
C PRO B 297 -25.65 -15.63 -11.44
N GLU B 298 -25.61 -14.57 -10.65
CA GLU B 298 -26.72 -14.15 -9.81
C GLU B 298 -27.75 -13.36 -10.63
N GLN B 299 -27.53 -13.29 -11.96
CA GLN B 299 -28.41 -12.62 -12.90
C GLN B 299 -28.55 -11.14 -12.66
N GLU B 300 -27.57 -10.54 -11.97
CA GLU B 300 -27.46 -9.11 -11.88
C GLU B 300 -26.95 -8.60 -13.23
N GLU B 301 -27.24 -7.34 -13.55
CA GLU B 301 -26.99 -6.82 -14.87
C GLU B 301 -26.58 -5.37 -14.84
N ALA B 302 -25.55 -5.05 -15.62
CA ALA B 302 -25.12 -3.68 -15.85
C ALA B 302 -25.25 -3.32 -17.34
N GLU B 303 -25.58 -2.06 -17.60
CA GLU B 303 -25.62 -1.53 -18.94
C GLU B 303 -25.06 -0.09 -18.94
N GLU B 304 -24.14 0.16 -19.86
CA GLU B 304 -23.57 1.49 -20.12
C GLU B 304 -23.74 1.88 -21.60
N ILE B 305 -24.19 3.10 -21.86
CA ILE B 305 -24.29 3.63 -23.19
C ILE B 305 -23.45 4.90 -23.19
N LEU B 306 -22.67 5.09 -24.24
CA LEU B 306 -21.89 6.30 -24.40
C LEU B 306 -21.73 6.67 -25.85
N ASP B 307 -21.55 7.97 -26.08
CA ASP B 307 -21.26 8.48 -27.41
C ASP B 307 -19.81 8.17 -27.71
N VAL B 308 -19.58 7.73 -28.93
CA VAL B 308 -18.24 7.43 -29.46
C VAL B 308 -18.23 7.86 -30.90
N THR B 309 -17.06 7.82 -31.51
CA THR B 309 -16.92 8.00 -32.94
C THR B 309 -16.88 6.60 -33.53
N TYR B 310 -17.89 6.28 -34.33
CA TYR B 310 -17.98 4.98 -34.99
C TYR B 310 -18.89 5.11 -36.20
N SER B 311 -18.35 4.78 -37.37
CA SER B 311 -19.15 4.79 -38.62
C SER B 311 -19.30 3.42 -39.29
N GLY B 312 -18.77 2.36 -38.70
CA GLY B 312 -18.79 1.04 -39.35
C GLY B 312 -20.15 0.37 -39.31
N ALA B 313 -20.20 -0.84 -39.86
CA ALA B 313 -21.38 -1.70 -39.74
C ALA B 313 -21.66 -2.01 -38.27
N GLU B 314 -22.93 -2.17 -37.90
CA GLU B 314 -23.27 -2.54 -36.52
C GLU B 314 -22.71 -3.92 -36.25
N MET B 315 -22.16 -4.12 -35.06
CA MET B 315 -21.70 -5.43 -34.65
C MET B 315 -21.72 -5.57 -33.12
N GLU B 316 -21.58 -6.82 -32.70
CA GLU B 316 -21.45 -7.19 -31.32
C GLU B 316 -20.12 -7.93 -31.13
N ILE B 317 -19.55 -7.79 -29.94
CA ILE B 317 -18.35 -8.51 -29.56
C ILE B 317 -18.24 -8.56 -28.05
N GLY B 318 -17.70 -9.64 -27.54
CA GLY B 318 -17.47 -9.79 -26.13
C GLY B 318 -16.00 -9.88 -25.88
N PHE B 319 -15.58 -9.41 -24.70
CA PHE B 319 -14.19 -9.45 -24.23
CA PHE B 319 -14.22 -9.69 -24.24
C PHE B 319 -14.08 -9.66 -22.73
N ASN B 320 -12.89 -10.07 -22.28
CA ASN B 320 -12.54 -10.02 -20.87
C ASN B 320 -12.31 -8.58 -20.45
N VAL B 321 -13.18 -8.07 -19.59
CA VAL B 321 -13.11 -6.68 -19.15
C VAL B 321 -11.86 -6.36 -18.32
N SER B 322 -11.32 -7.35 -17.60
CA SER B 322 -10.05 -7.16 -16.89
C SER B 322 -8.90 -6.89 -17.85
N TYR B 323 -8.85 -7.64 -18.95
CA TYR B 323 -7.80 -7.42 -19.95
C TYR B 323 -7.93 -6.05 -20.61
N VAL B 324 -9.16 -5.63 -20.91
CA VAL B 324 -9.39 -4.33 -21.54
C VAL B 324 -9.07 -3.19 -20.56
N LEU B 325 -9.47 -3.32 -19.30
CA LEU B 325 -9.09 -2.33 -18.30
C LEU B 325 -7.57 -2.23 -18.14
N ASP B 326 -6.87 -3.36 -18.12
CA ASP B 326 -5.39 -3.32 -18.02
C ASP B 326 -4.80 -2.47 -19.17
N VAL B 327 -5.29 -2.69 -20.40
CA VAL B 327 -4.85 -1.93 -21.56
C VAL B 327 -5.12 -0.43 -21.42
N LEU B 328 -6.35 -0.07 -21.05
CA LEU B 328 -6.70 1.35 -20.83
C LEU B 328 -5.84 1.99 -19.75
N ASN B 329 -5.52 1.22 -18.70
CA ASN B 329 -4.69 1.76 -17.61
C ASN B 329 -3.25 1.95 -18.06
N ALA B 330 -2.78 1.08 -18.96
CA ALA B 330 -1.44 1.23 -19.51
C ALA B 330 -1.38 2.41 -20.48
N LEU B 331 -2.41 2.61 -21.28
CA LEU B 331 -2.46 3.68 -22.28
C LEU B 331 -2.46 5.05 -21.64
N LYS B 332 -3.27 5.27 -20.61
CA LYS B 332 -3.38 6.61 -19.98
C LYS B 332 -3.45 7.70 -21.07
N CYS B 333 -4.39 7.54 -22.01
CA CYS B 333 -4.40 8.38 -23.21
C CYS B 333 -5.58 9.34 -23.18
N GLU B 334 -5.58 10.25 -24.13
CA GLU B 334 -6.69 11.11 -24.35
C GLU B 334 -7.86 10.32 -24.96
N ASN B 335 -7.59 9.76 -26.13
CA ASN B 335 -8.56 8.99 -26.88
C ASN B 335 -7.94 7.67 -27.27
N VAL B 336 -8.80 6.67 -27.32
CA VAL B 336 -8.43 5.29 -27.64
C VAL B 336 -9.11 4.90 -28.95
N ARG B 337 -8.44 4.01 -29.68
CA ARG B 337 -8.92 3.43 -30.91
C ARG B 337 -9.07 1.93 -30.61
N MET B 338 -10.28 1.39 -30.76
CA MET B 338 -10.51 -0.06 -30.78
C MET B 338 -10.77 -0.48 -32.23
N MET B 339 -9.86 -1.32 -32.75
CA MET B 339 -9.88 -1.73 -34.14
C MET B 339 -10.59 -3.08 -34.25
N LEU B 340 -11.82 -3.03 -34.73
CA LEU B 340 -12.73 -4.19 -34.74
C LEU B 340 -12.89 -4.76 -36.12
N THR B 341 -13.23 -6.05 -36.14
CA THR B 341 -13.43 -6.80 -37.35
C THR B 341 -14.81 -7.43 -37.31
N ASP B 342 -15.04 -8.31 -36.32
CA ASP B 342 -16.33 -9.01 -36.15
C ASP B 342 -16.37 -9.77 -34.82
N SER B 343 -17.48 -10.43 -34.53
CA SER B 343 -17.72 -11.06 -33.25
C SER B 343 -16.84 -12.27 -32.98
N VAL B 344 -16.20 -12.82 -34.02
CA VAL B 344 -15.32 -13.95 -33.82
C VAL B 344 -13.84 -13.68 -34.04
N SER B 345 -13.44 -12.41 -33.99
CA SER B 345 -12.07 -11.99 -34.22
C SER B 345 -11.57 -11.16 -33.02
N SER B 346 -10.24 -11.12 -32.86
CA SER B 346 -9.62 -10.35 -31.79
CA SER B 346 -9.63 -10.35 -31.78
C SER B 346 -9.82 -8.86 -32.04
N VAL B 347 -9.55 -8.06 -31.03
CA VAL B 347 -9.59 -6.61 -31.19
C VAL B 347 -8.19 -6.08 -30.94
N GLN B 348 -7.76 -5.10 -31.72
CA GLN B 348 -6.52 -4.41 -31.48
C GLN B 348 -6.88 -3.03 -30.90
N ILE B 349 -6.20 -2.65 -29.83
CA ILE B 349 -6.44 -1.40 -29.13
C ILE B 349 -5.16 -0.57 -29.14
N GLU B 350 -5.31 0.72 -29.39
CA GLU B 350 -4.19 1.66 -29.49
C GLU B 350 -4.63 3.02 -28.94
N ASP B 351 -3.65 3.83 -28.58
CA ASP B 351 -3.89 5.25 -28.40
C ASP B 351 -4.33 5.73 -29.77
N ALA B 352 -5.43 6.48 -29.84
CA ALA B 352 -5.92 6.97 -31.13
C ALA B 352 -4.89 7.86 -31.84
N ALA B 353 -4.03 8.50 -31.07
CA ALA B 353 -3.01 9.40 -31.60
C ALA B 353 -1.65 8.75 -31.96
N SER B 354 -1.47 7.45 -31.72
CA SER B 354 -0.15 6.85 -31.91
C SER B 354 -0.25 5.35 -32.21
N GLN B 355 0.46 4.92 -33.24
CA GLN B 355 0.57 3.48 -33.51
C GLN B 355 1.75 2.78 -32.77
N SER B 356 2.46 3.48 -31.91
CA SER B 356 3.65 2.91 -31.26
CA SER B 356 3.64 2.90 -31.28
C SER B 356 3.31 1.68 -30.40
N ALA B 357 2.25 1.79 -29.61
CA ALA B 357 1.82 0.68 -28.77
C ALA B 357 0.50 0.10 -29.26
N ALA B 358 0.43 -1.24 -29.26
CA ALA B 358 -0.77 -1.95 -29.65
C ALA B 358 -1.02 -3.12 -28.73
N TYR B 359 -2.30 -3.40 -28.46
CA TYR B 359 -2.70 -4.48 -27.55
C TYR B 359 -3.72 -5.29 -28.28
N VAL B 360 -3.65 -6.60 -28.10
CA VAL B 360 -4.63 -7.50 -28.69
C VAL B 360 -5.31 -8.32 -27.57
N VAL B 361 -6.63 -8.31 -27.60
CA VAL B 361 -7.45 -9.09 -26.73
C VAL B 361 -8.35 -10.00 -27.60
N MET B 362 -8.54 -11.21 -27.11
CA MET B 362 -9.35 -12.23 -27.81
C MET B 362 -10.89 -12.01 -27.65
N PRO B 363 -11.69 -12.50 -28.61
CA PRO B 363 -13.14 -12.37 -28.48
C PRO B 363 -13.69 -13.40 -27.49
N MET B 364 -14.79 -13.05 -26.83
CA MET B 364 -15.54 -13.99 -26.04
C MET B 364 -16.95 -14.07 -26.60
N ARG B 365 -17.47 -15.28 -26.62
CA ARG B 365 -18.88 -15.53 -26.95
C ARG B 365 -19.67 -15.31 -25.64
N LEU B 366 -20.38 -14.21 -25.53
CA LEU B 366 -20.89 -13.64 -24.23
C LEU B 366 -19.79 -13.06 -23.27
O2 2VF C . 2.31 -10.09 33.71
C13 2VF C . 1.64 -9.25 33.13
N1 2VF C . 1.51 -9.20 31.81
C12 2VF C . 0.92 -8.24 33.98
N 2VF C . 0.15 -7.25 33.20
C3 2VF C . 0.66 -6.10 32.71
C2 2VF C . 1.95 -5.58 32.71
C1 2VF C . 2.18 -4.35 32.10
C11 2VF C . -1.16 -7.34 32.93
C10 2VF C . -2.09 -8.45 33.32
C8 2VF C . -3.54 -8.05 32.98
C9 2VF C . -4.46 -9.23 32.87
O1 2VF C . -4.09 -10.40 32.71
O 2VF C . -5.75 -8.96 32.95
C7 2VF C . -3.67 -7.27 31.66
C6 2VF C . -2.99 -5.91 31.70
C5 2VF C . -1.60 -6.14 32.18
C4 2VF C . -0.39 -5.33 32.02
C14 2VF C . -0.12 -4.11 31.40
C 2VF C . 1.19 -3.65 31.46
CL 2VF C . 1.73 -2.10 30.74
C1 PEG D . -28.62 15.53 3.04
O1 PEG D . -29.67 15.32 2.10
C2 PEG D . -28.60 14.47 4.12
O2 PEG D . -29.68 14.64 5.05
C3 PEG D . -29.51 13.88 6.26
C4 PEG D . -30.53 14.22 7.35
O4 PEG D . -31.89 14.34 6.90
C1 PEG E . 18.66 18.33 25.57
O1 PEG E . 19.34 19.22 24.66
C2 PEG E . 17.37 17.88 24.94
O2 PEG E . 16.26 17.98 25.83
C3 PEG E . 15.71 19.28 25.95
C4 PEG E . 14.39 19.20 26.71
O4 PEG E . 14.05 20.50 27.18
CA CA F . 9.13 19.27 15.11
O1 PG4 G . -36.44 6.52 23.94
C1 PG4 G . -35.16 6.57 23.29
C2 PG4 G . -34.05 6.16 24.27
O2 PG4 G . -33.53 4.86 23.97
C3 PG4 G . -32.20 4.79 23.46
C4 PG4 G . -31.75 3.34 23.39
O3 PG4 G . -32.14 2.78 22.15
C5 PG4 G . -32.55 1.41 22.16
C6 PG4 G . -33.14 0.91 20.84
O4 PG4 G . -32.94 1.81 19.74
C7 PG4 G . -33.53 1.34 18.53
C8 PG4 G . -32.94 2.07 17.32
O5 PG4 G . -32.93 3.49 17.56
CA CA H . 9.50 -3.96 41.94
CA CA I . -33.39 -12.57 -3.44
CA CA J . -4.67 10.43 31.99
C1 EDO K . 11.11 12.18 10.57
O1 EDO K . 10.68 13.54 10.35
C2 EDO K . 10.79 11.78 12.00
O2 EDO K . 10.90 10.36 12.17
CL CL L . 18.06 10.94 13.37
O2 2VF M . -3.53 -21.76 -27.68
C13 2VF M . -3.20 -20.62 -27.95
N1 2VF M . -2.91 -20.17 -29.16
C12 2VF M . -3.17 -19.63 -26.83
N 2VF M . -2.19 -18.58 -26.96
C3 2VF M . -2.50 -17.27 -27.07
C2 2VF M . -3.73 -16.60 -27.13
C1 2VF M . -3.73 -15.21 -27.26
C11 2VF M . -0.84 -18.76 -26.94
C10 2VF M . -0.09 -20.07 -26.81
C8 2VF M . 1.43 -19.81 -26.91
C9 2VF M . 2.20 -20.95 -26.32
O1 2VF M . 3.51 -20.89 -26.41
O 2VF M . 1.67 -21.93 -25.81
C7 2VF M . 1.88 -18.51 -26.28
C6 2VF M . 1.34 -17.32 -27.05
C5 2VF M . -0.15 -17.46 -27.04
C4 2VF M . -1.25 -16.48 -27.13
C14 2VF M . -1.28 -15.10 -27.24
C 2VF M . -2.53 -14.49 -27.29
CL 2VF M . -2.64 -12.73 -27.41
C1 PEG N . 14.86 1.09 -7.46
O1 PEG N . 13.95 2.14 -7.12
C2 PEG N . 14.32 -0.26 -6.97
O2 PEG N . 15.21 -1.30 -7.37
C3 PEG N . 14.64 -2.33 -8.16
C4 PEG N . 13.83 -3.27 -7.27
O4 PEG N . 13.15 -4.25 -8.05
C1 PEG O . 26.41 6.61 -24.86
O1 PEG O . 26.84 5.39 -25.47
C2 PEG O . 26.53 6.50 -23.35
O2 PEG O . 25.65 5.47 -22.85
C3 PEG O . 25.86 5.23 -21.46
C4 PEG O . 26.97 4.20 -21.30
O4 PEG O . 27.74 4.38 -20.11
O1 PG4 P . 31.47 -5.19 -15.73
C1 PG4 P . 31.98 -6.52 -15.87
C2 PG4 P . 32.85 -6.58 -17.13
O2 PG4 P . 33.00 -7.94 -17.59
C3 PG4 P . 31.87 -8.61 -18.14
C4 PG4 P . 32.23 -9.35 -19.42
O3 PG4 P . 31.23 -9.16 -20.43
C5 PG4 P . 31.15 -7.86 -21.01
C6 PG4 P . 31.30 -7.89 -22.52
O4 PG4 P . 31.60 -6.58 -22.98
C7 PG4 P . 32.82 -6.44 -23.75
C8 PG4 P . 33.60 -5.22 -23.26
O5 PG4 P . 34.91 -5.14 -23.85
C1 PGE Q . 16.36 -2.73 -0.17
O1 PGE Q . 15.09 -2.75 0.46
C2 PGE Q . 17.32 -3.54 0.67
O2 PGE Q . 16.78 -4.84 0.97
C3 PGE Q . 16.62 -5.71 -0.16
C4 PGE Q . 17.18 -7.09 0.18
O4 PGE Q . 14.01 -9.85 0.28
C6 PGE Q . 14.71 -9.61 -0.95
C5 PGE Q . 16.12 -9.09 -0.69
O3 PGE Q . 16.09 -8.02 0.26
CL CL R . -18.63 -19.44 -13.27
#